data_1GON
#
_entry.id   1GON
#
_cell.length_a   96.312
_cell.length_b   111.171
_cell.length_c   185.246
_cell.angle_alpha   90.00
_cell.angle_beta   90.00
_cell.angle_gamma   90.00
#
_symmetry.space_group_name_H-M   'I 2 2 2'
#
loop_
_entity.id
_entity.type
_entity.pdbx_description
1 polymer BETA-GLUCOSIDASE
2 non-polymer 'MERCURY (II) ION'
3 non-polymer 'SULFATE ION'
4 water water
#
_entity_poly.entity_id   1
_entity_poly.type   'polypeptide(L)'
_entity_poly.pdbx_seq_one_letter_code
;MVPAAQQTATAPDAALTFPEGFLWGSATASYQIEGAAAEDGRTPSIWDTYARTPGRVRNGDTGDVATDHYHRWREDVALM
AELGLGAYRFSLAWPRIQPTGRGPALQKGLDFYRRLADELLAKGIQPVATLYHWDLPQELENAGGWPERATAERFAEYAA
IAADALGDRVKTWTTLNEPWCSAFLGYGSGVHAPGRTDPVAALRAAHHLNLGHGLAVQALRDRLPADAQCSVTLNIHHVR
PLTDSDADADAVRRIDALANRVFTGPMLQGAYPEDLVKDTAGLTDWSFVRDGDLRLAHQKLDFLGVNYYSPTLVSEADGS
GTHNSDGHGRSAHSPWPGADRVAFHQPPGETTAMGWAVDPSGLYELLRRLSSDFPALPLVITENGAAFHDYADPEGNVND
PERIAYVRDHLAAVHRAIKDGSDVRGYFLWSLLDNFEWAHGYSKRFGAVYVDYPTGTRIPKASARWYAEVARTGVLPTA
;
_entity_poly.pdbx_strand_id   A,B
#
loop_
_chem_comp.id
_chem_comp.type
_chem_comp.name
_chem_comp.formula
HG non-polymer 'MERCURY (II) ION' 'Hg 2'
SO4 non-polymer 'SULFATE ION' 'O4 S -2'
#
# COMPACT_ATOMS: atom_id res chain seq x y z
N ALA A 15 27.06 7.42 -15.88
CA ALA A 15 27.42 7.12 -14.46
C ALA A 15 28.10 8.33 -13.84
N LEU A 16 27.54 8.81 -12.74
CA LEU A 16 28.08 9.97 -12.05
C LEU A 16 28.96 9.55 -10.87
N THR A 17 30.01 10.32 -10.65
CA THR A 17 30.94 10.05 -9.56
C THR A 17 30.83 11.15 -8.51
N PHE A 18 30.72 10.75 -7.25
CA PHE A 18 30.63 11.73 -6.18
C PHE A 18 32.01 12.07 -5.63
N PRO A 19 32.15 13.27 -5.06
CA PRO A 19 33.40 13.77 -4.48
C PRO A 19 34.13 12.86 -3.49
N GLU A 20 35.45 13.03 -3.44
CA GLU A 20 36.28 12.26 -2.52
C GLU A 20 35.83 12.58 -1.10
N GLY A 21 35.56 11.55 -0.31
CA GLY A 21 35.14 11.76 1.06
C GLY A 21 33.63 11.90 1.28
N PHE A 22 32.84 11.81 0.22
CA PHE A 22 31.38 11.94 0.36
C PHE A 22 30.89 10.86 1.34
N LEU A 23 30.09 11.28 2.30
CA LEU A 23 29.58 10.35 3.31
C LEU A 23 28.29 9.64 2.85
N TRP A 24 28.26 8.32 2.95
CA TRP A 24 27.08 7.54 2.58
C TRP A 24 26.53 6.86 3.83
N GLY A 25 25.31 7.21 4.22
CA GLY A 25 24.75 6.61 5.42
C GLY A 25 23.26 6.35 5.29
N SER A 26 22.64 6.02 6.41
CA SER A 26 21.21 5.78 6.46
C SER A 26 20.75 6.43 7.77
N ALA A 27 19.46 6.71 7.90
CA ALA A 27 18.98 7.36 9.10
C ALA A 27 17.75 6.71 9.74
N THR A 28 17.62 6.91 11.04
CA THR A 28 16.50 6.41 11.83
C THR A 28 16.23 7.39 12.97
N ALA A 29 15.14 7.18 13.71
CA ALA A 29 14.78 8.02 14.85
C ALA A 29 14.47 7.08 16.00
N SER A 30 14.82 7.47 17.22
CA SER A 30 14.63 6.63 18.39
C SER A 30 13.24 5.99 18.53
N TYR A 31 12.22 6.80 18.69
CA TYR A 31 10.88 6.26 18.87
C TYR A 31 10.33 5.47 17.68
N GLN A 32 10.87 5.74 16.50
CA GLN A 32 10.40 5.06 15.31
C GLN A 32 10.89 3.62 15.16
N ILE A 33 12.07 3.31 15.71
CA ILE A 33 12.61 1.97 15.55
C ILE A 33 12.94 1.19 16.83
N GLU A 34 13.27 1.89 17.89
CA GLU A 34 13.69 1.26 19.14
C GLU A 34 12.80 0.24 19.85
N GLY A 35 11.55 0.60 20.12
CA GLY A 35 10.71 -0.31 20.85
C GLY A 35 11.13 -0.25 22.31
N ALA A 36 10.85 -1.31 23.06
CA ALA A 36 11.19 -1.35 24.48
C ALA A 36 10.84 0.00 25.10
N ALA A 37 9.61 0.43 24.86
CA ALA A 37 9.12 1.73 25.33
C ALA A 37 9.06 1.84 26.84
N ALA A 38 8.83 0.73 27.52
CA ALA A 38 8.75 0.72 28.97
C ALA A 38 9.79 -0.22 29.59
N GLU A 39 11.02 -0.13 29.11
CA GLU A 39 12.10 -0.95 29.61
C GLU A 39 13.29 -0.11 30.05
N ASP A 40 14.03 -0.66 31.00
CA ASP A 40 15.25 -0.03 31.52
C ASP A 40 15.18 1.39 32.03
N GLY A 41 14.04 1.78 32.58
CA GLY A 41 13.93 3.12 33.12
C GLY A 41 13.30 4.20 32.25
N ARG A 42 13.07 3.90 30.98
CA ARG A 42 12.48 4.91 30.10
C ARG A 42 11.08 5.27 30.56
N THR A 43 10.72 6.56 30.51
CA THR A 43 9.37 6.99 30.88
C THR A 43 8.69 7.47 29.60
N PRO A 44 7.35 7.55 29.59
CA PRO A 44 6.66 8.00 28.37
C PRO A 44 6.99 9.38 27.81
N SER A 45 7.06 9.46 26.48
CA SER A 45 7.31 10.72 25.79
C SER A 45 5.95 11.19 25.27
N ILE A 46 5.91 12.35 24.64
CA ILE A 46 4.64 12.85 24.10
C ILE A 46 4.08 11.92 23.02
N TRP A 47 4.94 11.22 22.30
CA TRP A 47 4.45 10.32 21.26
C TRP A 47 3.81 9.04 21.83
N ASP A 48 4.25 8.63 23.02
CA ASP A 48 3.67 7.46 23.67
C ASP A 48 2.23 7.82 24.00
N THR A 49 2.06 9.02 24.57
CA THR A 49 0.75 9.52 24.98
C THR A 49 -0.15 9.75 23.78
N TYR A 50 0.40 10.40 22.77
CA TYR A 50 -0.32 10.72 21.55
C TYR A 50 -0.80 9.46 20.83
N ALA A 51 0.09 8.48 20.68
CA ALA A 51 -0.22 7.23 20.00
C ALA A 51 -1.27 6.38 20.69
N ARG A 52 -1.31 6.44 22.02
CA ARG A 52 -2.29 5.66 22.75
C ARG A 52 -3.63 6.39 22.82
N THR A 53 -3.69 7.58 22.24
CA THR A 53 -4.92 8.36 22.21
C THR A 53 -5.78 7.99 21.00
N PRO A 54 -6.97 7.44 21.23
CA PRO A 54 -7.89 7.02 20.16
C PRO A 54 -8.03 8.02 19.02
N GLY A 55 -7.77 7.55 17.80
CA GLY A 55 -7.91 8.41 16.63
C GLY A 55 -6.67 9.18 16.17
N ARG A 56 -5.67 9.30 17.02
CA ARG A 56 -4.46 10.04 16.67
C ARG A 56 -3.52 9.37 15.68
N VAL A 57 -3.27 8.08 15.87
CA VAL A 57 -2.38 7.37 14.96
C VAL A 57 -3.14 6.27 14.24
N ARG A 58 -2.82 6.06 12.97
CA ARG A 58 -3.50 5.04 12.20
C ARG A 58 -3.55 3.68 12.89
N ASN A 59 -4.75 3.10 12.93
CA ASN A 59 -5.00 1.79 13.54
C ASN A 59 -4.59 1.66 15.00
N GLY A 60 -4.33 2.79 15.65
CA GLY A 60 -3.91 2.75 17.04
C GLY A 60 -2.50 2.21 17.24
N ASP A 61 -1.69 2.22 16.18
CA ASP A 61 -0.30 1.74 16.28
C ASP A 61 0.48 2.59 17.29
N THR A 62 1.47 2.00 17.94
CA THR A 62 2.32 2.74 18.87
C THR A 62 3.74 2.24 18.64
N GLY A 63 4.71 2.93 19.23
CA GLY A 63 6.08 2.50 19.08
C GLY A 63 6.54 1.59 20.20
N ASP A 64 5.59 0.97 20.91
CA ASP A 64 5.93 0.09 22.03
C ASP A 64 7.01 -0.95 21.68
N VAL A 65 6.90 -1.52 20.49
CA VAL A 65 7.85 -2.53 20.05
C VAL A 65 8.61 -2.06 18.81
N ALA A 66 7.89 -1.46 17.86
CA ALA A 66 8.47 -0.99 16.61
C ALA A 66 9.26 -2.11 15.96
N THR A 67 10.52 -1.84 15.61
CA THR A 67 11.36 -2.84 14.97
C THR A 67 12.18 -3.60 16.01
N ASP A 68 11.97 -3.25 17.28
CA ASP A 68 12.69 -3.89 18.36
C ASP A 68 14.21 -3.67 18.27
N HIS A 69 14.61 -2.54 17.70
CA HIS A 69 16.03 -2.21 17.54
C HIS A 69 16.78 -2.19 18.88
N TYR A 70 16.06 -1.85 19.95
CA TYR A 70 16.66 -1.80 21.29
C TYR A 70 17.34 -3.13 21.64
N HIS A 71 16.77 -4.23 21.17
CA HIS A 71 17.32 -5.56 21.44
C HIS A 71 18.12 -6.10 20.25
N ARG A 72 17.75 -5.70 19.05
CA ARG A 72 18.42 -6.15 17.84
C ARG A 72 19.51 -5.19 17.33
N TRP A 73 19.91 -4.22 18.14
CA TRP A 73 20.90 -3.22 17.72
C TRP A 73 22.20 -3.76 17.10
N ARG A 74 22.67 -4.89 17.63
CA ARG A 74 23.90 -5.50 17.14
C ARG A 74 23.75 -5.99 15.71
N GLU A 75 22.65 -6.69 15.47
CA GLU A 75 22.33 -7.21 14.16
C GLU A 75 22.18 -6.07 13.15
N ASP A 76 21.59 -4.96 13.59
CA ASP A 76 21.39 -3.82 12.72
C ASP A 76 22.70 -3.15 12.33
N VAL A 77 23.63 -3.05 13.27
CA VAL A 77 24.92 -2.45 12.96
C VAL A 77 25.63 -3.35 11.95
N ALA A 78 25.57 -4.66 12.18
CA ALA A 78 26.19 -5.63 11.29
C ALA A 78 25.55 -5.53 9.91
N LEU A 79 24.27 -5.19 9.86
CA LEU A 79 23.56 -5.05 8.59
C LEU A 79 24.10 -3.82 7.87
N MET A 80 24.40 -2.78 8.64
CA MET A 80 24.97 -1.56 8.08
C MET A 80 26.33 -1.86 7.46
N ALA A 81 27.11 -2.69 8.15
CA ALA A 81 28.44 -3.07 7.68
C ALA A 81 28.33 -3.87 6.37
N GLU A 82 27.42 -4.84 6.33
CA GLU A 82 27.23 -5.64 5.12
C GLU A 82 26.84 -4.72 3.95
N LEU A 83 26.13 -3.65 4.25
CA LEU A 83 25.71 -2.70 3.21
C LEU A 83 26.80 -1.66 2.92
N GLY A 84 27.96 -1.84 3.56
CA GLY A 84 29.08 -0.94 3.36
C GLY A 84 28.84 0.54 3.61
N LEU A 85 27.94 0.86 4.54
CA LEU A 85 27.64 2.25 4.84
C LEU A 85 28.76 2.89 5.67
N GLY A 86 29.06 4.15 5.40
CA GLY A 86 30.13 4.82 6.11
C GLY A 86 29.67 5.58 7.35
N ALA A 87 28.38 5.87 7.43
CA ALA A 87 27.85 6.59 8.57
C ALA A 87 26.43 6.14 8.92
N TYR A 88 26.05 6.34 10.18
CA TYR A 88 24.73 5.97 10.64
C TYR A 88 24.15 7.11 11.46
N ARG A 89 23.07 7.70 10.96
CA ARG A 89 22.40 8.80 11.66
C ARG A 89 21.25 8.24 12.51
N PHE A 90 21.31 8.49 13.81
CA PHE A 90 20.29 8.02 14.74
C PHE A 90 19.95 9.08 15.79
N SER A 91 18.82 8.91 16.46
CA SER A 91 18.46 9.87 17.50
C SER A 91 18.58 9.25 18.89
N LEU A 92 18.85 10.10 19.88
CA LEU A 92 18.97 9.66 21.26
C LEU A 92 17.62 9.90 21.94
N ALA A 93 17.10 8.88 22.63
CA ALA A 93 15.82 9.02 23.31
C ALA A 93 15.98 9.78 24.62
N TRP A 94 15.58 11.04 24.62
CA TRP A 94 15.64 11.88 25.81
C TRP A 94 15.00 11.13 26.99
N PRO A 95 13.83 10.47 26.75
CA PRO A 95 13.14 9.73 27.81
C PRO A 95 13.97 8.60 28.44
N ARG A 96 14.95 8.09 27.71
CA ARG A 96 15.82 7.04 28.24
C ARG A 96 16.99 7.64 29.04
N ILE A 97 17.59 8.68 28.47
CA ILE A 97 18.75 9.35 29.05
C ILE A 97 18.47 10.19 30.29
N GLN A 98 17.36 10.90 30.29
CA GLN A 98 16.97 11.72 31.42
C GLN A 98 15.45 11.63 31.50
N PRO A 99 14.94 10.55 32.13
CA PRO A 99 13.48 10.39 32.24
C PRO A 99 12.84 11.63 32.85
N THR A 100 11.66 11.98 32.31
CA THR A 100 10.87 13.13 32.74
C THR A 100 11.40 14.47 32.23
N GLY A 101 12.60 14.47 31.66
CA GLY A 101 13.13 15.71 31.12
C GLY A 101 13.86 16.59 32.13
N ARG A 102 14.01 16.07 33.34
CA ARG A 102 14.74 16.79 34.37
C ARG A 102 15.33 15.80 35.34
N GLY A 103 16.28 16.24 36.14
CA GLY A 103 16.91 15.36 37.10
C GLY A 103 18.23 14.82 36.59
N PRO A 104 18.84 13.87 37.30
CA PRO A 104 20.12 13.31 36.86
C PRO A 104 19.98 12.39 35.65
N ALA A 105 21.11 12.11 35.02
CA ALA A 105 21.12 11.23 33.87
C ALA A 105 20.87 9.81 34.36
N LEU A 106 20.29 8.98 33.50
CA LEU A 106 20.05 7.59 33.85
C LEU A 106 21.12 6.82 33.09
N GLN A 107 22.13 6.31 33.79
CA GLN A 107 23.22 5.60 33.14
C GLN A 107 22.82 4.40 32.29
N LYS A 108 21.81 3.65 32.72
CA LYS A 108 21.39 2.50 31.93
C LYS A 108 20.88 2.98 30.56
N GLY A 109 20.22 4.13 30.53
CA GLY A 109 19.72 4.67 29.29
C GLY A 109 20.89 5.00 28.38
N LEU A 110 21.87 5.72 28.94
CA LEU A 110 23.06 6.11 28.20
C LEU A 110 23.87 4.90 27.74
N ASP A 111 23.86 3.83 28.53
CA ASP A 111 24.59 2.60 28.18
C ASP A 111 24.17 2.01 26.84
N PHE A 112 22.89 2.11 26.51
CA PHE A 112 22.43 1.58 25.23
C PHE A 112 23.15 2.29 24.08
N TYR A 113 23.30 3.60 24.20
CA TYR A 113 23.93 4.37 23.14
C TYR A 113 25.45 4.25 23.19
N ARG A 114 26.00 4.00 24.36
CA ARG A 114 27.44 3.82 24.47
C ARG A 114 27.78 2.56 23.66
N ARG A 115 27.09 1.47 23.98
CA ARG A 115 27.32 0.20 23.28
C ARG A 115 27.07 0.31 21.78
N LEU A 116 26.02 1.01 21.39
CA LEU A 116 25.67 1.19 19.98
C LEU A 116 26.78 1.97 19.26
N ALA A 117 27.13 3.13 19.81
CA ALA A 117 28.17 3.97 19.21
C ALA A 117 29.48 3.20 19.11
N ASP A 118 29.84 2.49 20.18
CA ASP A 118 31.08 1.71 20.21
C ASP A 118 31.07 0.63 19.11
N GLU A 119 29.93 -0.03 18.94
CA GLU A 119 29.83 -1.08 17.93
C GLU A 119 29.97 -0.46 16.53
N LEU A 120 29.34 0.70 16.32
CA LEU A 120 29.41 1.39 15.04
C LEU A 120 30.88 1.66 14.69
N LEU A 121 31.57 2.28 15.64
CA LEU A 121 32.98 2.61 15.46
C LEU A 121 33.82 1.37 15.17
N ALA A 122 33.54 0.29 15.90
CA ALA A 122 34.28 -0.96 15.70
C ALA A 122 34.12 -1.43 14.26
N LYS A 123 32.97 -1.13 13.67
CA LYS A 123 32.69 -1.52 12.29
C LYS A 123 33.18 -0.48 11.28
N GLY A 124 33.71 0.63 11.77
CA GLY A 124 34.19 1.66 10.86
C GLY A 124 33.08 2.54 10.34
N ILE A 125 31.97 2.58 11.08
CA ILE A 125 30.82 3.39 10.71
C ILE A 125 30.78 4.60 11.63
N GLN A 126 30.71 5.79 11.03
CA GLN A 126 30.67 7.03 11.78
C GLN A 126 29.30 7.26 12.40
N PRO A 127 29.24 7.34 13.74
CA PRO A 127 27.95 7.57 14.39
C PRO A 127 27.59 9.07 14.37
N VAL A 128 26.34 9.37 14.03
CA VAL A 128 25.87 10.75 13.98
C VAL A 128 24.58 10.79 14.82
N ALA A 129 24.63 11.49 15.94
CA ALA A 129 23.50 11.55 16.85
C ALA A 129 22.67 12.83 16.86
N THR A 130 21.35 12.64 16.85
CA THR A 130 20.39 13.73 16.91
C THR A 130 19.86 13.68 18.35
N LEU A 131 20.01 14.77 19.07
CA LEU A 131 19.53 14.85 20.45
C LEU A 131 18.02 14.82 20.57
N TYR A 132 17.35 15.53 19.67
CA TYR A 132 15.90 15.61 19.73
C TYR A 132 15.15 15.31 18.44
N HIS A 133 14.48 14.17 18.42
CA HIS A 133 13.71 13.80 17.25
C HIS A 133 12.26 13.57 17.64
N TRP A 134 11.66 14.60 18.25
CA TRP A 134 10.26 14.62 18.64
C TRP A 134 9.80 13.93 19.91
N ASP A 135 10.58 12.99 20.44
CA ASP A 135 10.17 12.28 21.66
C ASP A 135 10.41 13.05 22.94
N LEU A 136 9.71 14.17 23.08
CA LEU A 136 9.80 15.01 24.28
C LEU A 136 9.23 14.26 25.48
N PRO A 137 9.95 14.27 26.62
CA PRO A 137 9.42 13.57 27.80
C PRO A 137 8.05 14.17 28.15
N GLN A 138 7.05 13.33 28.35
CA GLN A 138 5.71 13.81 28.65
C GLN A 138 5.65 14.85 29.78
N GLU A 139 6.48 14.68 30.80
CA GLU A 139 6.49 15.61 31.92
C GLU A 139 6.80 17.06 31.50
N LEU A 140 7.61 17.25 30.47
CA LEU A 140 7.91 18.61 30.00
C LEU A 140 6.70 19.19 29.30
N GLU A 141 5.90 18.32 28.69
CA GLU A 141 4.70 18.76 28.01
C GLU A 141 3.67 19.11 29.09
N ASN A 142 3.63 18.29 30.14
CA ASN A 142 2.71 18.55 31.25
C ASN A 142 2.98 19.94 31.84
N ALA A 143 4.24 20.36 31.80
CA ALA A 143 4.66 21.65 32.31
C ALA A 143 4.53 22.78 31.28
N GLY A 144 4.05 22.44 30.09
CA GLY A 144 3.87 23.48 29.08
C GLY A 144 4.40 23.16 27.70
N GLY A 145 5.29 22.19 27.60
CA GLY A 145 5.86 21.80 26.31
C GLY A 145 6.75 22.89 25.72
N TRP A 146 6.95 22.82 24.41
CA TRP A 146 7.78 23.80 23.73
C TRP A 146 7.29 25.25 23.81
N PRO A 147 5.97 25.46 23.94
CA PRO A 147 5.46 26.85 24.04
C PRO A 147 5.95 27.52 25.33
N GLU A 148 6.41 26.69 26.27
CA GLU A 148 6.91 27.14 27.56
C GLU A 148 8.43 27.26 27.51
N ARG A 149 8.94 28.43 27.88
CA ARG A 149 10.37 28.72 27.86
C ARG A 149 11.30 27.71 28.55
N ALA A 150 10.91 27.26 29.74
CA ALA A 150 11.72 26.32 30.49
C ALA A 150 12.14 25.09 29.71
N THR A 151 11.32 24.66 28.76
CA THR A 151 11.65 23.49 27.96
C THR A 151 12.98 23.67 27.24
N ALA A 152 13.23 24.87 26.77
CA ALA A 152 14.48 25.15 26.06
C ALA A 152 15.67 24.95 27.01
N GLU A 153 15.54 25.49 28.21
CA GLU A 153 16.60 25.37 29.19
C GLU A 153 16.79 23.90 29.56
N ARG A 154 15.69 23.16 29.67
CA ARG A 154 15.79 21.74 29.99
C ARG A 154 16.46 20.96 28.87
N PHE A 155 16.23 21.37 27.63
CA PHE A 155 16.83 20.68 26.50
C PHE A 155 18.34 20.87 26.51
N ALA A 156 18.76 22.06 26.93
CA ALA A 156 20.19 22.39 27.00
C ALA A 156 20.91 21.54 28.04
N GLU A 157 20.25 21.32 29.17
CA GLU A 157 20.82 20.51 30.25
C GLU A 157 20.96 19.08 29.75
N TYR A 158 19.93 18.59 29.07
CA TYR A 158 19.92 17.25 28.50
C TYR A 158 21.09 17.11 27.54
N ALA A 159 21.29 18.13 26.70
CA ALA A 159 22.38 18.11 25.72
C ALA A 159 23.74 18.01 26.41
N ALA A 160 23.90 18.73 27.51
CA ALA A 160 25.15 18.70 28.27
C ALA A 160 25.34 17.29 28.82
N ILE A 161 24.26 16.69 29.30
CA ILE A 161 24.32 15.34 29.83
C ILE A 161 24.78 14.38 28.74
N ALA A 162 24.18 14.50 27.57
CA ALA A 162 24.53 13.62 26.45
C ALA A 162 25.97 13.86 26.00
N ALA A 163 26.36 15.13 25.88
CA ALA A 163 27.71 15.47 25.46
C ALA A 163 28.72 14.87 26.42
N ASP A 164 28.48 15.07 27.71
CA ASP A 164 29.36 14.57 28.76
C ASP A 164 29.56 13.05 28.73
N ALA A 165 28.53 12.32 28.34
CA ALA A 165 28.60 10.86 28.34
C ALA A 165 29.07 10.21 27.05
N LEU A 166 28.62 10.75 25.91
CA LEU A 166 28.94 10.17 24.62
C LEU A 166 29.92 10.99 23.80
N GLY A 167 30.31 12.14 24.32
CA GLY A 167 31.23 13.01 23.59
C GLY A 167 32.53 12.39 23.13
N ASP A 168 33.04 11.40 23.85
CA ASP A 168 34.29 10.76 23.47
C ASP A 168 34.13 9.71 22.37
N ARG A 169 32.90 9.31 22.06
CA ARG A 169 32.71 8.32 21.01
C ARG A 169 31.96 8.86 19.80
N VAL A 170 31.09 9.83 20.04
CA VAL A 170 30.30 10.45 18.98
C VAL A 170 30.87 11.84 18.69
N LYS A 171 31.33 12.04 17.46
CA LYS A 171 31.92 13.32 17.08
C LYS A 171 31.03 14.24 16.24
N THR A 172 29.95 13.69 15.69
CA THR A 172 29.04 14.49 14.87
C THR A 172 27.69 14.56 15.59
N TRP A 173 27.27 15.78 15.92
CA TRP A 173 26.03 15.98 16.63
C TRP A 173 25.03 16.87 15.93
N THR A 174 23.75 16.55 16.14
CA THR A 174 22.66 17.32 15.59
C THR A 174 21.77 17.64 16.78
N THR A 175 21.42 18.91 16.91
CA THR A 175 20.58 19.32 18.02
C THR A 175 19.14 18.89 17.81
N LEU A 176 18.49 19.50 16.83
CA LEU A 176 17.08 19.19 16.56
C LEU A 176 16.87 18.64 15.17
N ASN A 177 15.81 17.85 15.01
CA ASN A 177 15.46 17.31 13.72
C ASN A 177 14.09 17.85 13.32
N GLU A 178 14.06 18.62 12.26
CA GLU A 178 12.82 19.19 11.73
C GLU A 178 11.91 19.89 12.75
N PRO A 179 12.42 20.94 13.40
CA PRO A 179 11.63 21.68 14.40
C PRO A 179 10.32 22.26 13.83
N TRP A 180 10.23 22.41 12.52
CA TRP A 180 9.01 22.93 11.89
C TRP A 180 7.85 21.98 12.20
N CYS A 181 8.09 20.69 11.99
CA CYS A 181 7.06 19.69 12.25
C CYS A 181 6.71 19.70 13.73
N SER A 182 7.74 19.75 14.58
CA SER A 182 7.53 19.77 16.03
C SER A 182 6.64 20.94 16.46
N ALA A 183 6.99 22.15 16.03
CA ALA A 183 6.24 23.34 16.38
C ALA A 183 4.87 23.49 15.73
N PHE A 184 4.84 23.39 14.40
CA PHE A 184 3.58 23.59 13.68
C PHE A 184 2.62 22.43 13.54
N LEU A 185 3.13 21.21 13.39
CA LEU A 185 2.24 20.06 13.31
C LEU A 185 1.91 19.61 14.73
N GLY A 186 2.86 19.84 15.64
CA GLY A 186 2.66 19.46 17.02
C GLY A 186 1.82 20.42 17.84
N TYR A 187 1.93 21.72 17.57
CA TYR A 187 1.17 22.71 18.32
C TYR A 187 0.28 23.61 17.46
N GLY A 188 0.45 23.52 16.13
CA GLY A 188 -0.35 24.35 15.24
C GLY A 188 -1.59 23.64 14.70
N SER A 189 -1.36 22.54 13.98
CA SER A 189 -2.45 21.77 13.40
C SER A 189 -2.77 20.58 14.30
N GLY A 190 -1.85 20.26 15.20
CA GLY A 190 -2.04 19.16 16.13
C GLY A 190 -2.10 17.76 15.56
N VAL A 191 -1.59 17.56 14.34
CA VAL A 191 -1.61 16.24 13.73
C VAL A 191 -0.43 15.40 14.18
N HIS A 192 0.43 16.01 14.99
CA HIS A 192 1.60 15.34 15.56
C HIS A 192 1.56 15.61 17.06
N ALA A 193 2.25 14.79 17.85
CA ALA A 193 2.29 14.98 19.30
C ALA A 193 2.89 16.36 19.58
N PRO A 194 2.44 17.04 20.66
CA PRO A 194 1.42 16.63 21.63
C PRO A 194 -0.04 16.78 21.16
N GLY A 195 -0.22 17.25 19.94
CA GLY A 195 -1.57 17.38 19.40
C GLY A 195 -2.34 18.63 19.75
N ARG A 196 -1.63 19.74 19.96
CA ARG A 196 -2.32 20.98 20.31
C ARG A 196 -2.57 21.84 19.07
N THR A 197 -3.54 22.75 19.18
CA THR A 197 -3.88 23.61 18.06
C THR A 197 -4.06 25.06 18.46
N ASP A 198 -2.98 25.81 18.38
CA ASP A 198 -2.98 27.22 18.70
C ASP A 198 -1.82 27.87 17.95
N PRO A 199 -2.13 28.84 17.07
CA PRO A 199 -1.10 29.52 16.29
C PRO A 199 0.01 30.17 17.11
N VAL A 200 -0.35 30.89 18.17
CA VAL A 200 0.65 31.55 19.00
C VAL A 200 1.48 30.49 19.74
N ALA A 201 0.82 29.43 20.20
CA ALA A 201 1.52 28.35 20.87
C ALA A 201 2.55 27.76 19.91
N ALA A 202 2.15 27.62 18.65
CA ALA A 202 3.03 27.07 17.62
C ALA A 202 4.23 27.97 17.37
N LEU A 203 4.01 29.29 17.41
CA LEU A 203 5.10 30.25 17.17
C LEU A 203 6.03 30.33 18.38
N ARG A 204 5.47 30.16 19.57
CA ARG A 204 6.29 30.17 20.79
C ARG A 204 7.17 28.92 20.77
N ALA A 205 6.58 27.80 20.36
CA ALA A 205 7.31 26.54 20.28
C ALA A 205 8.48 26.68 19.32
N ALA A 206 8.25 27.33 18.18
CA ALA A 206 9.29 27.56 17.18
C ALA A 206 10.44 28.33 17.82
N HIS A 207 10.12 29.44 18.48
CA HIS A 207 11.14 30.25 19.11
C HIS A 207 11.93 29.49 20.17
N HIS A 208 11.23 28.74 21.01
CA HIS A 208 11.89 27.98 22.07
C HIS A 208 12.73 26.83 21.51
N LEU A 209 12.39 26.38 20.31
CA LEU A 209 13.19 25.32 19.67
C LEU A 209 14.44 26.03 19.18
N ASN A 210 14.27 27.25 18.68
CA ASN A 210 15.43 28.03 18.22
C ASN A 210 16.35 28.28 19.42
N LEU A 211 15.77 28.68 20.55
CA LEU A 211 16.53 28.94 21.77
C LEU A 211 17.20 27.67 22.28
N GLY A 212 16.45 26.58 22.34
CA GLY A 212 17.00 25.32 22.82
C GLY A 212 18.20 24.88 21.98
N HIS A 213 18.05 24.97 20.67
CA HIS A 213 19.10 24.63 19.74
C HIS A 213 20.37 25.42 20.10
N GLY A 214 20.23 26.73 20.22
CA GLY A 214 21.36 27.59 20.55
C GLY A 214 22.04 27.20 21.85
N LEU A 215 21.25 27.08 22.90
CA LEU A 215 21.77 26.70 24.21
C LEU A 215 22.46 25.35 24.12
N ALA A 216 21.91 24.45 23.31
CA ALA A 216 22.50 23.12 23.14
C ALA A 216 23.85 23.20 22.44
N VAL A 217 23.92 23.93 21.33
CA VAL A 217 25.19 24.07 20.60
C VAL A 217 26.25 24.69 21.52
N GLN A 218 25.83 25.62 22.38
CA GLN A 218 26.73 26.28 23.33
C GLN A 218 27.29 25.23 24.27
N ALA A 219 26.41 24.37 24.79
CA ALA A 219 26.80 23.30 25.70
C ALA A 219 27.65 22.25 24.99
N LEU A 220 27.34 21.97 23.72
CA LEU A 220 28.10 20.99 22.96
C LEU A 220 29.50 21.54 22.71
N ARG A 221 29.56 22.77 22.22
CA ARG A 221 30.82 23.45 21.97
C ARG A 221 31.70 23.40 23.21
N ASP A 222 31.08 23.65 24.37
CA ASP A 222 31.78 23.70 25.64
C ASP A 222 32.26 22.36 26.20
N ARG A 223 31.49 21.29 25.97
CA ARG A 223 31.85 20.00 26.55
C ARG A 223 32.44 18.94 25.62
N LEU A 224 32.35 19.15 24.32
CA LEU A 224 32.89 18.18 23.38
C LEU A 224 34.31 18.50 22.94
N PRO A 225 35.06 17.48 22.48
CA PRO A 225 36.43 17.68 22.03
C PRO A 225 36.43 18.77 20.96
N ALA A 226 37.59 19.37 20.72
CA ALA A 226 37.68 20.45 19.75
C ALA A 226 37.45 20.06 18.28
N ASP A 227 37.37 18.76 17.98
CA ASP A 227 37.17 18.33 16.61
C ASP A 227 35.78 17.79 16.28
N ALA A 228 34.87 17.85 17.25
CA ALA A 228 33.50 17.37 17.05
C ALA A 228 32.74 18.33 16.13
N GLN A 229 31.74 17.82 15.41
CA GLN A 229 30.94 18.64 14.50
C GLN A 229 29.52 18.81 15.04
N CYS A 230 29.09 20.07 15.14
CA CYS A 230 27.75 20.38 15.61
C CYS A 230 26.88 20.90 14.49
N SER A 231 25.60 20.54 14.53
CA SER A 231 24.68 20.93 13.48
C SER A 231 23.21 20.92 13.90
N VAL A 232 22.35 21.25 12.93
CA VAL A 232 20.90 21.22 13.11
C VAL A 232 20.36 20.60 11.81
N THR A 233 19.28 19.84 11.91
CA THR A 233 18.67 19.21 10.74
C THR A 233 17.34 19.89 10.43
N LEU A 234 17.28 20.54 9.27
CA LEU A 234 16.07 21.25 8.89
C LEU A 234 15.43 20.67 7.64
N ASN A 235 14.11 20.47 7.70
CA ASN A 235 13.37 20.00 6.54
C ASN A 235 13.03 21.27 5.78
N ILE A 236 13.92 21.67 4.89
CA ILE A 236 13.76 22.89 4.09
C ILE A 236 12.69 22.74 3.02
N HIS A 237 11.57 23.41 3.20
CA HIS A 237 10.48 23.36 2.24
C HIS A 237 10.86 24.14 0.99
N HIS A 238 10.88 23.47 -0.15
CA HIS A 238 11.20 24.16 -1.40
C HIS A 238 9.88 24.67 -1.97
N VAL A 239 9.59 25.93 -1.73
CA VAL A 239 8.33 26.52 -2.17
C VAL A 239 8.32 27.12 -3.57
N ARG A 240 7.32 26.73 -4.35
CA ARG A 240 7.12 27.22 -5.71
C ARG A 240 5.68 27.74 -5.83
N PRO A 241 5.45 28.70 -6.75
CA PRO A 241 4.15 29.32 -7.02
C PRO A 241 3.39 28.59 -8.14
N LEU A 242 2.07 28.45 -7.98
CA LEU A 242 1.24 27.74 -8.96
C LEU A 242 1.27 28.39 -10.34
N THR A 243 1.29 29.72 -10.36
CA THR A 243 1.32 30.47 -11.61
C THR A 243 2.34 31.58 -11.45
N ASP A 244 2.45 32.44 -12.45
CA ASP A 244 3.41 33.55 -12.39
C ASP A 244 2.81 34.76 -11.68
N SER A 245 1.51 34.70 -11.40
CA SER A 245 0.83 35.81 -10.73
C SER A 245 1.71 36.42 -9.68
N ASP A 246 1.57 37.73 -9.46
CA ASP A 246 2.36 38.44 -8.46
C ASP A 246 1.87 38.04 -7.06
N ALA A 247 0.61 37.63 -6.97
CA ALA A 247 0.03 37.22 -5.70
C ALA A 247 0.65 35.88 -5.29
N ASP A 248 0.87 35.01 -6.26
CA ASP A 248 1.46 33.71 -6.02
C ASP A 248 2.90 33.83 -5.55
N ALA A 249 3.54 34.94 -5.90
CA ALA A 249 4.93 35.17 -5.50
C ALA A 249 4.93 35.60 -4.04
N ASP A 250 3.91 36.36 -3.66
CA ASP A 250 3.77 36.81 -2.28
C ASP A 250 3.54 35.57 -1.43
N ALA A 251 2.71 34.66 -1.95
CA ALA A 251 2.39 33.42 -1.25
C ALA A 251 3.66 32.63 -0.97
N VAL A 252 4.52 32.53 -1.97
CA VAL A 252 5.78 31.80 -1.84
C VAL A 252 6.59 32.40 -0.69
N ARG A 253 6.62 33.72 -0.63
CA ARG A 253 7.37 34.41 0.42
C ARG A 253 6.85 34.06 1.80
N ARG A 254 5.52 34.15 1.97
CA ARG A 254 4.88 33.85 3.25
C ARG A 254 5.23 32.46 3.75
N ILE A 255 5.05 31.46 2.88
CA ILE A 255 5.32 30.08 3.25
C ILE A 255 6.80 29.79 3.49
N ASP A 256 7.66 30.47 2.73
CA ASP A 256 9.09 30.29 2.88
C ASP A 256 9.57 30.82 4.23
N ALA A 257 8.95 31.91 4.68
CA ALA A 257 9.30 32.52 5.95
C ALA A 257 8.84 31.61 7.10
N LEU A 258 7.65 31.03 6.95
CA LEU A 258 7.07 30.17 7.98
C LEU A 258 7.70 28.78 8.03
N ALA A 259 8.01 28.23 6.87
CA ALA A 259 8.61 26.90 6.77
C ALA A 259 10.10 26.86 7.04
N ASN A 260 10.83 27.87 6.54
CA ASN A 260 12.28 27.86 6.69
C ASN A 260 12.96 29.00 7.45
N ARG A 261 12.66 30.23 7.07
CA ARG A 261 13.30 31.38 7.69
C ARG A 261 12.97 31.60 9.15
N VAL A 262 11.87 31.04 9.64
CA VAL A 262 11.55 31.24 11.04
C VAL A 262 12.63 30.51 11.87
N PHE A 263 13.35 29.61 11.21
CA PHE A 263 14.43 28.86 11.84
C PHE A 263 15.81 29.30 11.31
N THR A 264 15.98 29.41 9.99
CA THR A 264 17.29 29.81 9.49
C THR A 264 17.58 31.26 9.91
N GLY A 265 16.53 32.07 10.03
CA GLY A 265 16.71 33.45 10.44
C GLY A 265 17.46 33.51 11.77
N PRO A 266 16.86 32.96 12.85
CA PRO A 266 17.50 32.96 14.17
C PRO A 266 18.76 32.09 14.29
N MET A 267 18.69 30.86 13.80
CA MET A 267 19.81 29.92 13.89
C MET A 267 21.06 30.31 13.11
N LEU A 268 20.87 30.79 11.88
CA LEU A 268 21.99 31.16 11.02
C LEU A 268 22.22 32.65 10.84
N GLN A 269 21.26 33.49 11.21
CA GLN A 269 21.45 34.92 11.02
C GLN A 269 21.20 35.75 12.29
N GLY A 270 20.69 35.10 13.33
CA GLY A 270 20.44 35.79 14.59
C GLY A 270 19.30 36.79 14.61
N ALA A 271 18.29 36.60 13.77
CA ALA A 271 17.16 37.52 13.73
C ALA A 271 15.99 36.91 12.98
N TYR A 272 14.76 37.15 13.45
CA TYR A 272 13.60 36.65 12.71
C TYR A 272 13.42 37.58 11.53
N PRO A 273 13.03 37.03 10.36
CA PRO A 273 12.84 37.88 9.19
C PRO A 273 11.75 38.90 9.52
N GLU A 274 11.95 40.14 9.11
CA GLU A 274 10.98 41.20 9.37
C GLU A 274 9.62 40.89 8.77
N ASP A 275 9.61 40.40 7.53
CA ASP A 275 8.35 40.08 6.86
C ASP A 275 7.56 39.04 7.66
N LEU A 276 8.25 38.08 8.27
CA LEU A 276 7.57 37.06 9.08
C LEU A 276 6.89 37.76 10.26
N VAL A 277 7.61 38.66 10.90
CA VAL A 277 7.09 39.40 12.04
C VAL A 277 5.87 40.17 11.56
N LYS A 278 5.98 40.77 10.37
CA LYS A 278 4.88 41.52 9.79
C LYS A 278 3.68 40.62 9.48
N ASP A 279 3.93 39.49 8.84
CA ASP A 279 2.84 38.57 8.48
C ASP A 279 2.06 38.04 9.69
N THR A 280 2.73 37.94 10.84
CA THR A 280 2.10 37.42 12.05
C THR A 280 1.68 38.49 13.06
N ALA A 281 1.77 39.75 12.65
CA ALA A 281 1.39 40.87 13.51
C ALA A 281 -0.02 40.78 14.06
N GLY A 282 -0.92 40.14 13.33
CA GLY A 282 -2.29 40.02 13.81
C GLY A 282 -2.43 38.93 14.86
N LEU A 283 -1.48 38.01 14.85
CA LEU A 283 -1.47 36.88 15.78
C LEU A 283 -0.69 37.14 17.05
N THR A 284 0.49 37.74 16.91
CA THR A 284 1.34 38.00 18.07
C THR A 284 2.37 39.11 17.86
N ASP A 285 2.94 39.59 18.96
CA ASP A 285 3.95 40.64 18.95
C ASP A 285 5.34 40.06 19.25
N TRP A 286 5.40 38.74 19.43
CA TRP A 286 6.65 38.04 19.72
C TRP A 286 7.34 38.52 21.00
N SER A 287 6.55 38.88 22.01
CA SER A 287 7.13 39.36 23.25
C SER A 287 7.81 38.22 24.02
N PHE A 288 7.57 36.97 23.61
CA PHE A 288 8.19 35.83 24.28
C PHE A 288 9.62 35.67 23.80
N VAL A 289 10.02 36.52 22.86
CA VAL A 289 11.39 36.50 22.36
C VAL A 289 12.10 37.47 23.30
N ARG A 290 12.74 36.93 24.33
CA ARG A 290 13.43 37.76 25.31
C ARG A 290 14.74 38.31 24.76
N ASP A 291 15.13 39.49 25.23
CA ASP A 291 16.37 40.14 24.79
C ASP A 291 17.57 39.24 24.97
N GLY A 292 18.25 38.92 23.87
CA GLY A 292 19.40 38.05 23.94
C GLY A 292 19.09 36.64 23.44
N ASP A 293 17.81 36.31 23.31
CA ASP A 293 17.41 34.99 22.84
C ASP A 293 17.93 34.72 21.42
N LEU A 294 17.82 35.72 20.55
CA LEU A 294 18.26 35.58 19.18
C LEU A 294 19.77 35.36 19.07
N ARG A 295 20.53 36.00 19.94
CA ARG A 295 21.99 35.85 19.91
C ARG A 295 22.36 34.42 20.36
N LEU A 296 21.61 33.90 21.31
CA LEU A 296 21.87 32.56 21.83
C LEU A 296 21.54 31.49 20.81
N ALA A 297 20.47 31.70 20.05
CA ALA A 297 20.05 30.75 19.03
C ALA A 297 21.02 30.73 17.85
N HIS A 298 21.73 31.84 17.67
CA HIS A 298 22.70 31.99 16.58
C HIS A 298 24.09 31.47 16.94
N GLN A 299 24.27 30.16 16.86
CA GLN A 299 25.56 29.54 17.18
C GLN A 299 26.23 29.04 15.91
N LYS A 300 27.56 29.04 15.91
CA LYS A 300 28.29 28.58 14.73
C LYS A 300 28.08 27.08 14.54
N LEU A 301 27.77 26.69 13.31
CA LEU A 301 27.54 25.28 13.00
C LEU A 301 28.62 24.82 12.03
N ASP A 302 28.95 23.54 12.07
CA ASP A 302 29.97 23.00 11.19
C ASP A 302 29.40 22.58 9.84
N PHE A 303 28.08 22.39 9.80
CA PHE A 303 27.37 22.03 8.58
C PHE A 303 25.87 22.07 8.86
N LEU A 304 25.07 22.27 7.81
CA LEU A 304 23.62 22.31 7.98
C LEU A 304 23.07 20.98 7.45
N GLY A 305 22.23 20.33 8.25
CA GLY A 305 21.62 19.09 7.84
C GLY A 305 20.33 19.41 7.12
N VAL A 306 20.16 18.88 5.91
CA VAL A 306 18.97 19.14 5.11
C VAL A 306 18.12 17.88 4.87
N ASN A 307 16.81 18.00 5.12
CA ASN A 307 15.89 16.89 4.89
C ASN A 307 14.98 17.31 3.73
N TYR A 308 14.81 16.42 2.76
CA TYR A 308 13.96 16.72 1.61
C TYR A 308 13.28 15.47 1.05
N TYR A 309 12.01 15.63 0.69
CA TYR A 309 11.23 14.53 0.12
C TYR A 309 10.42 14.97 -1.10
N SER A 310 9.82 16.15 -1.00
CA SER A 310 8.98 16.67 -2.07
C SER A 310 8.85 18.18 -1.94
N PRO A 311 8.54 18.88 -3.04
CA PRO A 311 8.40 20.34 -3.02
C PRO A 311 7.01 20.79 -2.54
N THR A 312 6.80 22.11 -2.48
CA THR A 312 5.54 22.68 -2.07
C THR A 312 5.07 23.60 -3.19
N LEU A 313 3.80 23.48 -3.53
CA LEU A 313 3.19 24.30 -4.58
C LEU A 313 2.09 25.17 -3.94
N VAL A 314 2.22 26.49 -4.02
CA VAL A 314 1.23 27.37 -3.41
C VAL A 314 0.71 28.45 -4.35
N SER A 315 -0.42 29.05 -3.96
CA SER A 315 -1.06 30.11 -4.73
C SER A 315 -1.77 31.03 -3.74
N ALA A 332 -6.81 28.81 12.93
CA ALA A 332 -6.86 28.21 14.27
C ALA A 332 -6.38 26.78 14.27
N HIS A 333 -6.25 26.14 13.11
CA HIS A 333 -5.88 24.71 13.15
C HIS A 333 -4.91 24.31 12.08
N SER A 334 -4.28 25.28 11.42
CA SER A 334 -3.33 24.97 10.38
C SER A 334 -1.83 25.10 10.84
N PRO A 335 -0.89 24.52 10.06
CA PRO A 335 0.55 24.56 10.36
C PRO A 335 1.23 25.80 9.81
N TRP A 336 0.42 26.74 9.33
CA TRP A 336 0.93 27.97 8.75
C TRP A 336 0.23 29.20 9.32
N PRO A 337 0.38 29.43 10.63
CA PRO A 337 -0.25 30.59 11.29
C PRO A 337 0.03 31.91 10.57
N GLY A 338 -1.03 32.65 10.28
CA GLY A 338 -0.86 33.93 9.60
C GLY A 338 -0.93 33.84 8.08
N ALA A 339 -0.92 32.63 7.52
CA ALA A 339 -0.98 32.48 6.07
C ALA A 339 -2.26 31.81 5.58
N ASP A 340 -3.40 32.23 6.12
CA ASP A 340 -4.70 31.68 5.75
C ASP A 340 -5.12 32.04 4.31
N ARG A 341 -4.63 33.18 3.82
CA ARG A 341 -4.96 33.69 2.48
C ARG A 341 -4.44 32.77 1.39
N VAL A 342 -3.49 31.95 1.76
CA VAL A 342 -2.83 31.04 0.84
C VAL A 342 -3.55 29.69 0.75
N ALA A 343 -3.17 28.91 -0.25
CA ALA A 343 -3.78 27.60 -0.50
C ALA A 343 -2.77 26.71 -1.21
N PHE A 344 -2.62 25.48 -0.76
CA PHE A 344 -1.65 24.56 -1.36
C PHE A 344 -2.18 23.65 -2.46
N HIS A 345 -1.27 23.15 -3.29
CA HIS A 345 -1.61 22.28 -4.42
C HIS A 345 -0.65 21.10 -4.57
N GLN A 346 -1.18 20.00 -5.13
CA GLN A 346 -0.39 18.81 -5.37
C GLN A 346 0.63 19.09 -6.47
N PRO A 347 1.93 19.05 -6.12
CA PRO A 347 2.97 19.32 -7.12
C PRO A 347 2.88 18.23 -8.18
N PRO A 348 3.31 18.53 -9.42
CA PRO A 348 3.28 17.55 -10.50
C PRO A 348 4.35 16.49 -10.33
N GLY A 349 4.11 15.32 -10.94
CA GLY A 349 5.05 14.22 -10.86
C GLY A 349 4.37 12.96 -10.34
N GLU A 350 5.02 11.82 -10.47
CA GLU A 350 4.44 10.58 -9.96
C GLU A 350 4.41 10.71 -8.43
N THR A 351 3.68 9.84 -7.76
CA THR A 351 3.61 9.93 -6.30
C THR A 351 4.01 8.65 -5.57
N THR A 352 4.47 8.82 -4.33
CA THR A 352 4.89 7.71 -3.48
C THR A 352 3.70 7.25 -2.64
N ALA A 353 3.93 6.28 -1.75
CA ALA A 353 2.89 5.75 -0.89
C ALA A 353 2.30 6.85 0.00
N MET A 354 3.06 7.91 0.24
CA MET A 354 2.61 9.03 1.06
C MET A 354 1.74 9.93 0.19
N GLY A 355 1.85 9.74 -1.12
CA GLY A 355 1.14 10.54 -2.11
C GLY A 355 1.91 11.84 -2.33
N TRP A 356 3.19 11.83 -1.97
CA TRP A 356 4.05 12.99 -2.15
C TRP A 356 4.63 12.95 -3.55
N ALA A 357 4.65 14.11 -4.22
CA ALA A 357 5.19 14.18 -5.55
C ALA A 357 6.68 13.86 -5.56
N VAL A 358 7.12 13.14 -6.59
CA VAL A 358 8.52 12.81 -6.75
C VAL A 358 9.07 13.85 -7.73
N ASP A 359 9.98 14.69 -7.24
CA ASP A 359 10.53 15.74 -8.09
C ASP A 359 11.97 16.06 -7.71
N PRO A 360 12.93 15.36 -8.31
CA PRO A 360 14.35 15.59 -8.01
C PRO A 360 14.74 17.06 -8.17
N SER A 361 14.13 17.74 -9.13
CA SER A 361 14.46 19.14 -9.39
C SER A 361 14.28 19.99 -8.14
N GLY A 362 13.32 19.62 -7.31
CA GLY A 362 13.08 20.37 -6.09
C GLY A 362 14.30 20.33 -5.19
N LEU A 363 15.00 19.20 -5.18
CA LEU A 363 16.20 19.03 -4.36
C LEU A 363 17.37 19.83 -4.94
N TYR A 364 17.48 19.85 -6.27
CA TYR A 364 18.55 20.59 -6.91
C TYR A 364 18.39 22.09 -6.66
N GLU A 365 17.20 22.61 -6.94
CA GLU A 365 16.93 24.04 -6.74
C GLU A 365 17.15 24.40 -5.27
N LEU A 366 16.64 23.56 -4.37
CA LEU A 366 16.78 23.75 -2.93
C LEU A 366 18.24 23.91 -2.53
N LEU A 367 19.08 23.00 -3.01
CA LEU A 367 20.51 23.04 -2.71
C LEU A 367 21.17 24.31 -3.21
N ARG A 368 20.80 24.75 -4.41
CA ARG A 368 21.37 25.95 -4.98
C ARG A 368 20.95 27.19 -4.17
N ARG A 369 19.70 27.20 -3.70
CA ARG A 369 19.20 28.30 -2.88
C ARG A 369 20.07 28.40 -1.62
N LEU A 370 20.26 27.27 -0.96
CA LEU A 370 21.06 27.22 0.26
C LEU A 370 22.49 27.68 0.00
N SER A 371 23.08 27.22 -1.11
CA SER A 371 24.45 27.60 -1.44
C SER A 371 24.53 29.12 -1.62
N SER A 372 23.47 29.69 -2.19
CA SER A 372 23.42 31.13 -2.43
C SER A 372 23.23 31.92 -1.14
N ASP A 373 22.37 31.42 -0.25
CA ASP A 373 22.11 32.11 1.00
C ASP A 373 23.18 31.88 2.05
N PHE A 374 23.73 30.68 2.09
CA PHE A 374 24.75 30.36 3.08
C PHE A 374 25.96 29.68 2.43
N PRO A 375 26.68 30.44 1.58
CA PRO A 375 27.87 30.00 0.83
C PRO A 375 28.91 29.21 1.62
N ALA A 376 29.22 29.68 2.82
CA ALA A 376 30.23 29.03 3.66
C ALA A 376 29.73 27.86 4.50
N LEU A 377 28.43 27.58 4.42
CA LEU A 377 27.87 26.48 5.22
C LEU A 377 27.80 25.16 4.47
N PRO A 378 28.69 24.21 4.84
CA PRO A 378 28.72 22.88 4.20
C PRO A 378 27.36 22.22 4.39
N LEU A 379 26.90 21.50 3.37
CA LEU A 379 25.61 20.85 3.44
C LEU A 379 25.72 19.34 3.45
N VAL A 380 24.81 18.72 4.18
CA VAL A 380 24.75 17.26 4.28
C VAL A 380 23.26 16.90 4.15
N ILE A 381 22.94 15.96 3.27
CA ILE A 381 21.55 15.54 3.13
C ILE A 381 21.35 14.51 4.25
N THR A 382 20.79 14.94 5.37
CA THR A 382 20.59 14.05 6.50
C THR A 382 19.34 13.19 6.40
N GLU A 383 18.53 13.41 5.37
CA GLU A 383 17.33 12.63 5.15
C GLU A 383 16.78 12.79 3.75
N ASN A 384 16.51 11.65 3.11
CA ASN A 384 15.92 11.60 1.78
C ASN A 384 15.53 10.15 1.54
N GLY A 385 14.32 9.96 1.02
CA GLY A 385 13.87 8.61 0.76
C GLY A 385 12.42 8.63 0.30
N ALA A 386 11.81 7.45 0.24
CA ALA A 386 10.43 7.36 -0.20
C ALA A 386 9.74 6.12 0.34
N ALA A 387 8.43 6.23 0.51
CA ALA A 387 7.63 5.13 0.99
C ALA A 387 6.91 4.53 -0.21
N PHE A 388 6.93 3.21 -0.28
CA PHE A 388 6.25 2.48 -1.32
C PHE A 388 5.66 1.26 -0.62
N HIS A 389 4.63 0.68 -1.22
CA HIS A 389 3.96 -0.48 -0.64
C HIS A 389 4.71 -1.78 -0.91
N ASP A 390 5.84 -1.94 -0.22
CA ASP A 390 6.66 -3.13 -0.36
C ASP A 390 5.99 -4.35 0.26
N TYR A 391 6.44 -5.52 -0.16
CA TYR A 391 5.90 -6.77 0.38
C TYR A 391 6.92 -7.87 0.14
N ALA A 392 6.94 -8.83 1.06
CA ALA A 392 7.84 -9.98 0.96
C ALA A 392 7.06 -11.06 0.22
N ASP A 393 7.61 -11.55 -0.88
CA ASP A 393 6.91 -12.59 -1.64
C ASP A 393 7.10 -13.97 -1.04
N PRO A 394 6.46 -15.00 -1.62
CA PRO A 394 6.58 -16.37 -1.11
C PRO A 394 8.00 -16.90 -1.06
N GLU A 395 8.87 -16.39 -1.94
CA GLU A 395 10.26 -16.81 -1.98
C GLU A 395 11.13 -16.00 -1.01
N GLY A 396 10.50 -15.13 -0.24
CA GLY A 396 11.22 -14.32 0.73
C GLY A 396 11.88 -13.05 0.22
N ASN A 397 11.63 -12.66 -1.01
CA ASN A 397 12.24 -11.45 -1.57
C ASN A 397 11.31 -10.24 -1.46
N VAL A 398 11.91 -9.08 -1.31
CA VAL A 398 11.20 -7.81 -1.25
C VAL A 398 11.79 -6.93 -2.35
N ASN A 399 11.06 -6.81 -3.46
CA ASN A 399 11.53 -6.01 -4.60
C ASN A 399 10.96 -4.60 -4.59
N ASP A 400 11.83 -3.61 -4.50
CA ASP A 400 11.39 -2.22 -4.50
C ASP A 400 12.09 -1.40 -5.58
N PRO A 401 11.89 -1.75 -6.85
CA PRO A 401 12.53 -1.00 -7.94
C PRO A 401 12.15 0.47 -7.94
N GLU A 402 10.96 0.79 -7.44
CA GLU A 402 10.51 2.19 -7.41
C GLU A 402 11.33 3.04 -6.43
N ARG A 403 11.82 2.44 -5.35
CA ARG A 403 12.64 3.17 -4.38
C ARG A 403 14.03 3.36 -4.96
N ILE A 404 14.50 2.38 -5.72
CA ILE A 404 15.80 2.49 -6.36
C ILE A 404 15.78 3.67 -7.32
N ALA A 405 14.69 3.80 -8.06
CA ALA A 405 14.55 4.89 -9.03
C ALA A 405 14.52 6.25 -8.35
N TYR A 406 13.74 6.36 -7.28
CA TYR A 406 13.60 7.60 -6.53
C TYR A 406 14.93 8.09 -5.98
N VAL A 407 15.66 7.19 -5.33
CA VAL A 407 16.95 7.53 -4.75
C VAL A 407 17.97 7.89 -5.81
N ARG A 408 18.00 7.09 -6.88
CA ARG A 408 18.94 7.36 -7.97
C ARG A 408 18.66 8.73 -8.57
N ASP A 409 17.38 9.02 -8.80
CA ASP A 409 17.00 10.30 -9.37
C ASP A 409 17.37 11.47 -8.46
N HIS A 410 17.20 11.29 -7.15
CA HIS A 410 17.54 12.38 -6.23
C HIS A 410 19.05 12.50 -6.04
N LEU A 411 19.77 11.40 -6.16
CA LEU A 411 21.21 11.45 -6.01
C LEU A 411 21.81 12.18 -7.21
N ALA A 412 21.14 12.04 -8.36
CA ALA A 412 21.59 12.71 -9.57
C ALA A 412 21.43 14.22 -9.44
N ALA A 413 20.34 14.64 -8.78
CA ALA A 413 20.08 16.06 -8.56
C ALA A 413 21.14 16.61 -7.61
N VAL A 414 21.49 15.80 -6.62
CA VAL A 414 22.50 16.19 -5.65
C VAL A 414 23.84 16.36 -6.36
N HIS A 415 24.22 15.36 -7.14
CA HIS A 415 25.47 15.40 -7.88
C HIS A 415 25.49 16.61 -8.80
N ARG A 416 24.35 16.92 -9.40
CA ARG A 416 24.25 18.06 -10.29
C ARG A 416 24.48 19.35 -9.50
N ALA A 417 23.88 19.44 -8.32
CA ALA A 417 24.04 20.62 -7.47
C ALA A 417 25.52 20.76 -7.11
N ILE A 418 26.17 19.64 -6.84
CA ILE A 418 27.59 19.65 -6.50
C ILE A 418 28.41 20.17 -7.68
N LYS A 419 28.08 19.70 -8.88
CA LYS A 419 28.76 20.12 -10.10
C LYS A 419 28.71 21.63 -10.23
N ASP A 420 27.52 22.19 -10.00
CA ASP A 420 27.32 23.63 -10.12
C ASP A 420 27.85 24.45 -8.97
N GLY A 421 28.57 23.80 -8.05
CA GLY A 421 29.17 24.53 -6.93
C GLY A 421 28.71 24.25 -5.52
N SER A 422 27.54 23.64 -5.33
CA SER A 422 27.03 23.37 -3.99
C SER A 422 27.95 22.48 -3.16
N ASP A 423 28.17 22.87 -1.92
CA ASP A 423 29.04 22.13 -1.02
C ASP A 423 28.30 21.08 -0.20
N VAL A 424 27.99 19.95 -0.83
CA VAL A 424 27.28 18.86 -0.18
C VAL A 424 28.29 17.76 0.14
N ARG A 425 28.36 17.36 1.41
CA ARG A 425 29.34 16.37 1.85
C ARG A 425 28.82 14.98 2.19
N GLY A 426 27.51 14.77 2.15
CA GLY A 426 26.98 13.46 2.49
C GLY A 426 25.51 13.28 2.19
N TYR A 427 25.06 12.02 2.25
CA TYR A 427 23.68 11.69 1.97
C TYR A 427 23.23 10.53 2.86
N PHE A 428 22.17 10.74 3.63
CA PHE A 428 21.67 9.70 4.51
C PHE A 428 20.29 9.25 4.06
N LEU A 429 20.22 8.00 3.61
CA LEU A 429 18.97 7.44 3.14
C LEU A 429 17.99 7.22 4.29
N TRP A 430 16.78 7.77 4.16
CA TRP A 430 15.76 7.52 5.17
C TRP A 430 14.90 6.46 4.49
N SER A 431 14.83 5.28 5.08
CA SER A 431 15.51 4.93 6.32
C SER A 431 16.19 3.57 6.16
N LEU A 432 16.99 3.18 7.14
CA LEU A 432 17.65 1.89 7.10
C LEU A 432 16.58 0.80 7.25
N LEU A 433 15.62 1.07 8.11
CA LEU A 433 14.54 0.11 8.40
C LEU A 433 13.15 0.70 8.26
N ASP A 434 12.21 -0.15 7.85
CA ASP A 434 10.81 0.25 7.77
C ASP A 434 10.56 0.53 9.27
N ASN A 435 9.73 1.51 9.59
CA ASN A 435 9.49 1.80 11.00
C ASN A 435 8.17 2.52 11.28
N PHE A 436 7.98 2.92 12.53
CA PHE A 436 6.77 3.63 12.98
C PHE A 436 6.79 5.04 12.38
N GLU A 437 6.05 5.24 11.30
CA GLU A 437 6.01 6.53 10.64
C GLU A 437 4.96 7.47 11.25
N TRP A 438 5.16 7.77 12.52
CA TRP A 438 4.31 8.69 13.27
C TRP A 438 2.80 8.49 13.13
N ALA A 439 2.08 9.56 12.77
CA ALA A 439 0.63 9.47 12.64
C ALA A 439 0.17 8.40 11.67
N HIS A 440 1.07 7.95 10.80
CA HIS A 440 0.73 6.92 9.81
C HIS A 440 0.96 5.52 10.37
N GLY A 441 1.58 5.45 11.55
CA GLY A 441 1.87 4.16 12.15
C GLY A 441 2.82 3.38 11.27
N TYR A 442 2.60 2.07 11.18
CA TYR A 442 3.45 1.22 10.38
C TYR A 442 2.94 1.03 8.96
N SER A 443 1.95 1.82 8.57
CA SER A 443 1.37 1.71 7.23
C SER A 443 2.28 2.22 6.12
N LYS A 444 3.33 2.94 6.50
CA LYS A 444 4.26 3.49 5.51
C LYS A 444 5.66 2.92 5.70
N ARG A 445 6.17 2.26 4.66
CA ARG A 445 7.50 1.66 4.71
C ARG A 445 8.51 2.45 3.87
N PHE A 446 9.51 3.00 4.55
CA PHE A 446 10.59 3.82 3.95
C PHE A 446 11.94 3.10 3.93
N GLY A 447 12.03 1.96 4.61
CA GLY A 447 13.29 1.25 4.71
C GLY A 447 13.97 0.64 3.50
N ALA A 448 15.30 0.49 3.65
CA ALA A 448 16.13 -0.15 2.64
C ALA A 448 16.05 -1.62 3.06
N VAL A 449 15.64 -1.82 4.32
CA VAL A 449 15.50 -3.15 4.90
C VAL A 449 14.06 -3.34 5.38
N TYR A 450 13.42 -4.37 4.86
CA TYR A 450 12.05 -4.70 5.23
C TYR A 450 12.01 -5.28 6.64
N VAL A 451 10.95 -4.97 7.38
CA VAL A 451 10.79 -5.49 8.73
C VAL A 451 9.45 -6.22 8.87
N ASP A 452 9.51 -7.49 9.24
CA ASP A 452 8.30 -8.27 9.47
C ASP A 452 8.00 -7.95 10.93
N TYR A 453 7.11 -6.99 11.15
CA TYR A 453 6.79 -6.55 12.49
C TYR A 453 6.49 -7.56 13.58
N PRO A 454 5.67 -8.59 13.27
CA PRO A 454 5.37 -9.58 14.31
C PRO A 454 6.58 -10.33 14.87
N THR A 455 7.56 -10.59 14.00
CA THR A 455 8.75 -11.31 14.43
C THR A 455 9.96 -10.39 14.58
N GLY A 456 9.94 -9.27 13.87
CA GLY A 456 11.05 -8.34 13.93
C GLY A 456 12.13 -8.70 12.92
N THR A 457 11.85 -9.71 12.10
CA THR A 457 12.78 -10.19 11.09
C THR A 457 13.10 -9.15 10.02
N ARG A 458 14.39 -8.95 9.77
CA ARG A 458 14.85 -7.99 8.78
C ARG A 458 15.14 -8.65 7.43
N ILE A 459 14.55 -8.11 6.36
CA ILE A 459 14.80 -8.64 5.03
C ILE A 459 15.31 -7.50 4.15
N PRO A 460 16.61 -7.53 3.81
CA PRO A 460 17.16 -6.46 2.97
C PRO A 460 16.44 -6.43 1.62
N LYS A 461 15.96 -5.27 1.22
CA LYS A 461 15.26 -5.12 -0.05
C LYS A 461 16.24 -4.92 -1.19
N ALA A 462 15.77 -5.06 -2.42
CA ALA A 462 16.61 -4.88 -3.60
C ALA A 462 17.31 -3.52 -3.56
N SER A 463 16.64 -2.50 -3.05
CA SER A 463 17.26 -1.18 -2.97
C SER A 463 18.45 -1.22 -2.01
N ALA A 464 18.40 -2.07 -0.99
CA ALA A 464 19.51 -2.16 -0.05
C ALA A 464 20.75 -2.64 -0.78
N ARG A 465 20.57 -3.65 -1.63
CA ARG A 465 21.68 -4.21 -2.41
C ARG A 465 22.23 -3.19 -3.41
N TRP A 466 21.33 -2.44 -4.03
CA TRP A 466 21.71 -1.42 -5.01
C TRP A 466 22.43 -0.25 -4.33
N TYR A 467 21.88 0.20 -3.21
CA TYR A 467 22.47 1.32 -2.48
C TYR A 467 23.84 0.92 -1.93
N ALA A 468 23.98 -0.34 -1.54
CA ALA A 468 25.25 -0.82 -1.02
C ALA A 468 26.33 -0.63 -2.08
N GLU A 469 26.00 -0.92 -3.33
CA GLU A 469 26.94 -0.75 -4.43
C GLU A 469 27.35 0.71 -4.59
N VAL A 470 26.40 1.62 -4.46
CA VAL A 470 26.69 3.05 -4.59
C VAL A 470 27.64 3.52 -3.47
N ALA A 471 27.40 3.04 -2.25
CA ALA A 471 28.23 3.43 -1.12
C ALA A 471 29.62 2.81 -1.15
N ARG A 472 29.79 1.74 -1.93
CA ARG A 472 31.09 1.08 -2.04
C ARG A 472 31.91 1.61 -3.21
N THR A 473 31.24 1.97 -4.30
CA THR A 473 31.94 2.49 -5.46
C THR A 473 31.97 4.00 -5.45
N GLY A 474 30.89 4.62 -4.97
CA GLY A 474 30.81 6.06 -4.95
C GLY A 474 30.32 6.50 -6.31
N VAL A 475 29.87 5.52 -7.09
CA VAL A 475 29.37 5.76 -8.44
C VAL A 475 27.86 5.52 -8.53
N LEU A 476 27.19 6.39 -9.27
CA LEU A 476 25.75 6.29 -9.44
C LEU A 476 25.40 5.90 -10.88
N PRO A 477 24.97 4.65 -11.10
CA PRO A 477 24.63 4.19 -12.45
C PRO A 477 23.37 4.88 -12.97
N THR A 478 22.43 5.08 -12.18
N ALA B 15 -29.42 -1.17 12.08
CA ALA B 15 -29.10 -2.57 11.70
C ALA B 15 -30.09 -3.10 10.66
N LEU B 16 -29.55 -3.78 9.66
CA LEU B 16 -30.36 -4.36 8.58
C LEU B 16 -30.28 -5.87 8.70
N THR B 17 -31.42 -6.54 8.61
CA THR B 17 -31.43 -8.00 8.71
C THR B 17 -31.58 -8.66 7.35
N PHE B 18 -30.72 -9.63 7.08
CA PHE B 18 -30.74 -10.37 5.82
C PHE B 18 -31.57 -11.63 6.02
N PRO B 19 -32.11 -12.20 4.93
CA PRO B 19 -32.91 -13.42 5.06
C PRO B 19 -32.14 -14.46 5.85
N GLU B 20 -32.83 -15.16 6.75
CA GLU B 20 -32.17 -16.15 7.58
C GLU B 20 -31.47 -17.21 6.73
N GLY B 21 -31.99 -17.48 5.54
CA GLY B 21 -31.38 -18.47 4.68
C GLY B 21 -30.32 -17.92 3.73
N PHE B 22 -30.04 -16.62 3.82
CA PHE B 22 -29.05 -15.98 2.94
C PHE B 22 -27.71 -16.70 3.12
N LEU B 23 -27.06 -17.04 2.01
CA LEU B 23 -25.78 -17.74 2.05
C LEU B 23 -24.57 -16.82 2.19
N TRP B 24 -23.79 -17.01 3.26
CA TRP B 24 -22.59 -16.20 3.50
C TRP B 24 -21.32 -17.02 3.29
N GLY B 25 -20.45 -16.55 2.40
CA GLY B 25 -19.22 -17.26 2.13
C GLY B 25 -18.04 -16.39 1.75
N SER B 26 -16.94 -17.04 1.36
CA SER B 26 -15.75 -16.34 0.91
C SER B 26 -15.32 -17.05 -0.37
N ALA B 27 -14.45 -16.43 -1.15
CA ALA B 27 -14.05 -17.05 -2.40
C ALA B 27 -12.57 -16.98 -2.73
N THR B 28 -12.13 -17.95 -3.53
CA THR B 28 -10.74 -18.05 -3.99
C THR B 28 -10.71 -18.68 -5.40
N ALA B 29 -9.52 -18.75 -5.98
CA ALA B 29 -9.32 -19.34 -7.29
C ALA B 29 -8.05 -20.20 -7.19
N SER B 30 -8.08 -21.35 -7.84
CA SER B 30 -6.97 -22.29 -7.78
C SER B 30 -5.55 -21.73 -7.90
N TYR B 31 -5.23 -21.15 -9.06
CA TYR B 31 -3.88 -20.61 -9.27
C TYR B 31 -3.49 -19.48 -8.31
N GLN B 32 -4.49 -18.77 -7.81
CA GLN B 32 -4.21 -17.67 -6.91
C GLN B 32 -3.79 -18.08 -5.51
N ILE B 33 -4.22 -19.25 -5.04
CA ILE B 33 -3.87 -19.66 -3.68
C ILE B 33 -3.17 -21.01 -3.50
N GLU B 34 -3.39 -21.93 -4.43
CA GLU B 34 -2.83 -23.27 -4.28
C GLU B 34 -1.32 -23.50 -4.16
N GLY B 35 -0.53 -22.96 -5.10
CA GLY B 35 0.90 -23.19 -5.06
C GLY B 35 1.14 -24.62 -5.51
N ALA B 36 2.23 -25.24 -5.07
CA ALA B 36 2.54 -26.62 -5.45
C ALA B 36 2.26 -26.80 -6.95
N ALA B 37 2.78 -25.87 -7.74
CA ALA B 37 2.57 -25.84 -9.19
C ALA B 37 2.99 -27.06 -10.02
N ALA B 38 4.00 -27.79 -9.56
CA ALA B 38 4.47 -28.95 -10.30
C ALA B 38 4.34 -30.25 -9.53
N GLU B 39 3.54 -30.25 -8.47
CA GLU B 39 3.36 -31.47 -7.67
C GLU B 39 2.19 -32.34 -8.12
N ASP B 40 2.34 -33.64 -7.84
CA ASP B 40 1.33 -34.64 -8.15
C ASP B 40 0.83 -34.71 -9.58
N GLY B 41 1.70 -34.39 -10.54
CA GLY B 41 1.32 -34.45 -11.94
C GLY B 41 0.88 -33.16 -12.61
N ARG B 42 0.67 -32.11 -11.82
CA ARG B 42 0.25 -30.84 -12.38
C ARG B 42 1.28 -30.27 -13.34
N THR B 43 0.83 -29.83 -14.51
CA THR B 43 1.71 -29.23 -15.50
C THR B 43 1.26 -27.80 -15.76
N PRO B 44 2.15 -26.95 -16.29
CA PRO B 44 1.87 -25.54 -16.58
C PRO B 44 0.53 -25.18 -17.22
N SER B 45 -0.12 -24.16 -16.65
CA SER B 45 -1.37 -23.64 -17.18
C SER B 45 -0.87 -22.41 -17.93
N ILE B 46 -1.75 -21.75 -18.70
CA ILE B 46 -1.32 -20.56 -19.41
C ILE B 46 -0.81 -19.49 -18.45
N TRP B 47 -1.30 -19.47 -17.22
CA TRP B 47 -0.84 -18.47 -16.27
C TRP B 47 0.55 -18.76 -15.72
N ASP B 48 0.93 -20.04 -15.67
CA ASP B 48 2.28 -20.38 -15.20
C ASP B 48 3.21 -19.79 -16.27
N THR B 49 2.90 -20.09 -17.52
CA THR B 49 3.68 -19.63 -18.67
C THR B 49 3.74 -18.11 -18.67
N TYR B 50 2.56 -17.48 -18.61
CA TYR B 50 2.46 -16.04 -18.60
C TYR B 50 3.33 -15.41 -17.52
N ALA B 51 3.13 -15.87 -16.28
CA ALA B 51 3.87 -15.38 -15.13
C ALA B 51 5.38 -15.57 -15.30
N ARG B 52 5.77 -16.60 -16.03
CA ARG B 52 7.19 -16.83 -16.26
C ARG B 52 7.74 -15.92 -17.36
N THR B 53 6.87 -15.15 -17.99
CA THR B 53 7.28 -14.22 -19.05
C THR B 53 7.67 -12.88 -18.41
N PRO B 54 8.92 -12.45 -18.59
CA PRO B 54 9.41 -11.19 -18.02
C PRO B 54 8.57 -9.97 -18.40
N GLY B 55 8.19 -9.19 -17.39
CA GLY B 55 7.41 -7.99 -17.63
C GLY B 55 5.90 -8.16 -17.62
N ARG B 56 5.44 -9.41 -17.60
CA ARG B 56 4.01 -9.69 -17.60
C ARG B 56 3.35 -9.52 -16.24
N VAL B 57 4.04 -9.96 -15.19
CA VAL B 57 3.50 -9.85 -13.83
C VAL B 57 4.42 -9.01 -12.95
N ARG B 58 3.81 -8.18 -12.13
CA ARG B 58 4.52 -7.30 -11.20
C ARG B 58 5.66 -8.02 -10.47
N ASN B 59 6.87 -7.48 -10.61
CA ASN B 59 8.07 -8.02 -9.96
C ASN B 59 8.42 -9.45 -10.31
N GLY B 60 7.80 -10.00 -11.34
CA GLY B 60 8.10 -11.37 -11.72
C GLY B 60 7.47 -12.38 -10.79
N ASP B 61 6.47 -11.97 -10.02
CA ASP B 61 5.79 -12.88 -9.10
C ASP B 61 5.12 -13.99 -9.91
N THR B 62 4.88 -15.13 -9.27
CA THR B 62 4.19 -16.26 -9.93
C THR B 62 3.39 -16.96 -8.86
N GLY B 63 2.55 -17.91 -9.26
CA GLY B 63 1.76 -18.68 -8.32
C GLY B 63 2.43 -20.00 -7.95
N ASP B 64 3.75 -20.10 -8.12
CA ASP B 64 4.47 -21.33 -7.79
C ASP B 64 4.16 -21.81 -6.38
N VAL B 65 4.19 -20.89 -5.42
CA VAL B 65 3.94 -21.18 -4.01
C VAL B 65 2.62 -20.55 -3.54
N ALA B 66 2.44 -19.26 -3.82
CA ALA B 66 1.24 -18.53 -3.42
C ALA B 66 1.01 -18.68 -1.92
N THR B 67 -0.18 -19.14 -1.51
CA THR B 67 -0.47 -19.31 -0.09
C THR B 67 -0.20 -20.75 0.37
N ASP B 68 0.34 -21.57 -0.53
CA ASP B 68 0.67 -22.95 -0.22
C ASP B 68 -0.58 -23.69 0.26
N HIS B 69 -1.73 -23.30 -0.28
CA HIS B 69 -3.00 -23.90 0.09
C HIS B 69 -3.14 -25.38 -0.28
N TYR B 70 -2.54 -25.80 -1.40
CA TYR B 70 -2.63 -27.19 -1.80
C TYR B 70 -2.13 -28.09 -0.66
N HIS B 71 -1.25 -27.54 0.17
CA HIS B 71 -0.72 -28.29 1.32
C HIS B 71 -1.44 -27.96 2.62
N ARG B 72 -1.72 -26.68 2.83
CA ARG B 72 -2.32 -26.20 4.08
C ARG B 72 -3.84 -26.06 4.15
N TRP B 73 -4.53 -26.53 3.12
CA TRP B 73 -6.00 -26.44 3.03
C TRP B 73 -6.79 -26.74 4.31
N ARG B 74 -6.40 -27.76 5.05
CA ARG B 74 -7.13 -28.10 6.28
C ARG B 74 -7.18 -26.94 7.27
N GLU B 75 -6.08 -26.19 7.34
CA GLU B 75 -5.98 -25.04 8.21
C GLU B 75 -6.93 -23.94 7.73
N ASP B 76 -7.07 -23.81 6.42
CA ASP B 76 -7.93 -22.79 5.84
C ASP B 76 -9.40 -23.14 6.01
N VAL B 77 -9.75 -24.42 5.89
CA VAL B 77 -11.14 -24.80 6.10
C VAL B 77 -11.47 -24.57 7.57
N ALA B 78 -10.48 -24.82 8.43
CA ALA B 78 -10.64 -24.65 9.87
C ALA B 78 -10.92 -23.20 10.20
N LEU B 79 -10.25 -22.28 9.51
CA LEU B 79 -10.47 -20.86 9.74
C LEU B 79 -11.89 -20.47 9.31
N MET B 80 -12.33 -21.01 8.18
CA MET B 80 -13.68 -20.74 7.67
C MET B 80 -14.70 -21.14 8.75
N ALA B 81 -14.53 -22.35 9.28
CA ALA B 81 -15.41 -22.88 10.31
C ALA B 81 -15.36 -21.98 11.55
N GLU B 82 -14.17 -21.48 11.85
CA GLU B 82 -14.00 -20.60 12.99
C GLU B 82 -14.80 -19.32 12.77
N LEU B 83 -14.83 -18.85 11.53
CA LEU B 83 -15.57 -17.65 11.17
C LEU B 83 -17.06 -17.88 10.94
N GLY B 84 -17.50 -19.13 11.09
CA GLY B 84 -18.92 -19.44 10.91
C GLY B 84 -19.48 -19.20 9.53
N LEU B 85 -18.63 -19.25 8.51
CA LEU B 85 -19.07 -19.05 7.14
C LEU B 85 -19.89 -20.26 6.69
N GLY B 86 -20.95 -20.01 5.92
CA GLY B 86 -21.81 -21.10 5.47
C GLY B 86 -21.46 -21.77 4.15
N ALA B 87 -20.59 -21.15 3.36
CA ALA B 87 -20.20 -21.73 2.08
C ALA B 87 -18.80 -21.27 1.68
N TYR B 88 -18.16 -22.04 0.82
CA TYR B 88 -16.83 -21.73 0.33
C TYR B 88 -16.81 -21.91 -1.18
N ARG B 89 -16.47 -20.84 -1.89
CA ARG B 89 -16.40 -20.88 -3.34
C ARG B 89 -14.95 -20.98 -3.77
N PHE B 90 -14.63 -22.05 -4.51
CA PHE B 90 -13.28 -22.29 -4.98
C PHE B 90 -13.34 -22.79 -6.40
N SER B 91 -12.20 -22.83 -7.08
CA SER B 91 -12.19 -23.33 -8.44
C SER B 91 -11.34 -24.60 -8.49
N LEU B 92 -11.61 -25.44 -9.48
CA LEU B 92 -10.88 -26.68 -9.67
C LEU B 92 -9.77 -26.40 -10.68
N ALA B 93 -8.56 -26.85 -10.39
CA ALA B 93 -7.45 -26.62 -11.31
C ALA B 93 -7.45 -27.70 -12.39
N TRP B 94 -7.86 -27.31 -13.60
CA TRP B 94 -7.90 -28.23 -14.72
C TRP B 94 -6.51 -28.86 -14.86
N PRO B 95 -5.44 -28.06 -14.66
CA PRO B 95 -4.08 -28.59 -14.78
C PRO B 95 -3.78 -29.78 -13.85
N ARG B 96 -4.43 -29.83 -12.69
CA ARG B 96 -4.20 -30.93 -11.73
C ARG B 96 -5.04 -32.15 -12.07
N ILE B 97 -6.24 -31.90 -12.59
CA ILE B 97 -7.18 -32.95 -12.92
C ILE B 97 -6.91 -33.58 -14.28
N GLN B 98 -6.54 -32.75 -15.25
CA GLN B 98 -6.26 -33.23 -16.60
C GLN B 98 -5.14 -32.34 -17.18
N PRO B 99 -3.87 -32.65 -16.84
CA PRO B 99 -2.64 -31.97 -17.23
C PRO B 99 -2.54 -31.38 -18.65
N THR B 100 -2.91 -32.19 -19.64
CA THR B 100 -2.82 -31.73 -21.02
C THR B 100 -4.15 -31.19 -21.55
N GLY B 101 -5.21 -31.33 -20.75
CA GLY B 101 -6.51 -30.86 -21.18
C GLY B 101 -7.30 -31.95 -21.86
N ARG B 102 -6.70 -33.14 -21.93
CA ARG B 102 -7.32 -34.30 -22.53
C ARG B 102 -6.71 -35.56 -21.93
N GLY B 103 -7.32 -36.71 -22.17
CA GLY B 103 -6.77 -37.95 -21.65
C GLY B 103 -7.25 -38.39 -20.28
N PRO B 104 -6.48 -39.26 -19.61
CA PRO B 104 -6.82 -39.78 -18.29
C PRO B 104 -6.86 -38.69 -17.25
N ALA B 105 -7.84 -38.76 -16.36
CA ALA B 105 -7.95 -37.79 -15.30
C ALA B 105 -7.01 -38.30 -14.22
N LEU B 106 -6.32 -37.40 -13.53
CA LEU B 106 -5.42 -37.81 -12.45
C LEU B 106 -6.22 -37.94 -11.16
N GLN B 107 -6.17 -39.11 -10.54
CA GLN B 107 -6.89 -39.34 -9.29
C GLN B 107 -6.34 -38.47 -8.15
N LYS B 108 -5.03 -38.26 -8.12
CA LYS B 108 -4.44 -37.43 -7.09
C LYS B 108 -5.03 -36.03 -7.17
N GLY B 109 -5.25 -35.55 -8.39
CA GLY B 109 -5.84 -34.23 -8.57
C GLY B 109 -7.28 -34.19 -8.10
N LEU B 110 -8.05 -35.20 -8.50
CA LEU B 110 -9.45 -35.30 -8.11
C LEU B 110 -9.57 -35.55 -6.61
N ASP B 111 -8.64 -36.34 -6.07
CA ASP B 111 -8.65 -36.65 -4.65
C ASP B 111 -8.48 -35.41 -3.78
N PHE B 112 -7.62 -34.49 -4.20
CA PHE B 112 -7.43 -33.26 -3.42
C PHE B 112 -8.77 -32.56 -3.22
N TYR B 113 -9.52 -32.37 -4.29
CA TYR B 113 -10.80 -31.70 -4.21
C TYR B 113 -11.87 -32.52 -3.49
N ARG B 114 -11.82 -33.85 -3.64
CA ARG B 114 -12.77 -34.72 -2.97
C ARG B 114 -12.57 -34.51 -1.47
N ARG B 115 -11.32 -34.58 -1.06
CA ARG B 115 -10.94 -34.38 0.34
C ARG B 115 -11.38 -33.00 0.82
N LEU B 116 -11.16 -31.99 -0.02
CA LEU B 116 -11.53 -30.63 0.34
C LEU B 116 -13.02 -30.53 0.57
N ALA B 117 -13.79 -31.02 -0.40
CA ALA B 117 -15.24 -30.99 -0.32
C ALA B 117 -15.72 -31.71 0.94
N ASP B 118 -15.11 -32.84 1.25
CA ASP B 118 -15.48 -33.61 2.44
C ASP B 118 -15.21 -32.85 3.73
N GLU B 119 -14.08 -32.15 3.78
CA GLU B 119 -13.72 -31.38 4.98
C GLU B 119 -14.73 -30.23 5.17
N LEU B 120 -15.06 -29.56 4.08
CA LEU B 120 -16.03 -28.47 4.13
C LEU B 120 -17.35 -28.99 4.65
N LEU B 121 -17.84 -30.07 4.06
CA LEU B 121 -19.11 -30.66 4.47
C LEU B 121 -19.09 -31.11 5.93
N ALA B 122 -18.00 -31.73 6.34
CA ALA B 122 -17.89 -32.21 7.71
C ALA B 122 -18.08 -31.08 8.71
N LYS B 123 -17.76 -29.85 8.30
CA LYS B 123 -17.91 -28.71 9.19
C LYS B 123 -19.09 -27.82 8.85
N GLY B 124 -20.03 -28.36 8.09
CA GLY B 124 -21.22 -27.61 7.72
C GLY B 124 -20.99 -26.45 6.77
N ILE B 125 -19.93 -26.52 5.97
CA ILE B 125 -19.65 -25.46 5.00
C ILE B 125 -19.99 -25.98 3.60
N GLN B 126 -20.85 -25.25 2.92
CA GLN B 126 -21.31 -25.60 1.57
C GLN B 126 -20.23 -25.37 0.51
N PRO B 127 -19.89 -26.42 -0.26
CA PRO B 127 -18.89 -26.32 -1.32
C PRO B 127 -19.52 -25.76 -2.60
N VAL B 128 -18.87 -24.75 -3.18
CA VAL B 128 -19.33 -24.14 -4.41
C VAL B 128 -18.10 -24.17 -5.31
N ALA B 129 -18.14 -25.01 -6.33
CA ALA B 129 -17.01 -25.17 -7.22
C ALA B 129 -17.13 -24.55 -8.60
N THR B 130 -16.05 -23.87 -9.00
CA THR B 130 -15.96 -23.21 -10.31
C THR B 130 -15.04 -24.09 -11.16
N LEU B 131 -15.56 -24.56 -12.30
CA LEU B 131 -14.77 -25.43 -13.18
C LEU B 131 -13.58 -24.70 -13.80
N TYR B 132 -13.79 -23.49 -14.31
CA TYR B 132 -12.71 -22.75 -14.95
C TYR B 132 -12.49 -21.33 -14.44
N HIS B 133 -11.35 -21.12 -13.77
CA HIS B 133 -11.03 -19.79 -13.32
C HIS B 133 -9.67 -19.36 -13.88
N TRP B 134 -9.57 -19.46 -15.21
CA TRP B 134 -8.42 -19.01 -16.00
C TRP B 134 -7.16 -19.88 -16.13
N ASP B 135 -7.02 -20.93 -15.33
CA ASP B 135 -5.83 -21.77 -15.44
C ASP B 135 -5.96 -22.85 -16.51
N LEU B 136 -6.00 -22.39 -17.76
CA LEU B 136 -6.12 -23.29 -18.91
C LEU B 136 -4.85 -24.10 -19.17
N PRO B 137 -5.00 -25.42 -19.38
CA PRO B 137 -3.84 -26.30 -19.64
C PRO B 137 -3.07 -25.72 -20.82
N GLN B 138 -1.76 -25.57 -20.67
CA GLN B 138 -0.96 -24.99 -21.75
C GLN B 138 -1.13 -25.68 -23.09
N GLU B 139 -1.21 -27.01 -23.08
CA GLU B 139 -1.36 -27.75 -24.33
C GLU B 139 -2.57 -27.28 -25.14
N LEU B 140 -3.65 -26.92 -24.45
CA LEU B 140 -4.84 -26.44 -25.14
C LEU B 140 -4.57 -25.08 -25.77
N GLU B 141 -3.75 -24.26 -25.12
CA GLU B 141 -3.42 -22.95 -25.67
C GLU B 141 -2.51 -23.16 -26.89
N ASN B 142 -1.59 -24.12 -26.79
CA ASN B 142 -0.71 -24.41 -27.92
C ASN B 142 -1.53 -24.82 -29.14
N ALA B 143 -2.63 -25.54 -28.91
CA ALA B 143 -3.48 -25.99 -30.00
C ALA B 143 -4.42 -24.89 -30.51
N GLY B 144 -4.34 -23.70 -29.92
CA GLY B 144 -5.20 -22.63 -30.37
C GLY B 144 -5.85 -21.79 -29.27
N GLY B 145 -6.00 -22.37 -28.09
CA GLY B 145 -6.62 -21.63 -26.98
C GLY B 145 -8.11 -21.46 -27.18
N TRP B 146 -8.70 -20.51 -26.47
CA TRP B 146 -10.14 -20.28 -26.58
C TRP B 146 -10.62 -19.87 -27.97
N PRO B 147 -9.74 -19.31 -28.81
CA PRO B 147 -10.21 -18.94 -30.16
C PRO B 147 -10.46 -20.19 -31.01
N GLU B 148 -10.04 -21.34 -30.49
CA GLU B 148 -10.21 -22.60 -31.19
C GLU B 148 -11.40 -23.36 -30.61
N ARG B 149 -12.35 -23.71 -31.48
CA ARG B 149 -13.56 -24.41 -31.08
C ARG B 149 -13.35 -25.64 -30.20
N ALA B 150 -12.33 -26.44 -30.53
CA ALA B 150 -12.03 -27.65 -29.79
C ALA B 150 -11.97 -27.43 -28.27
N THR B 151 -11.44 -26.28 -27.87
CA THR B 151 -11.32 -25.96 -26.46
C THR B 151 -12.65 -26.00 -25.73
N ALA B 152 -13.69 -25.42 -26.34
CA ALA B 152 -15.01 -25.44 -25.73
N GLU B 153 -15.18 -27.72 -26.55
CA GLU B 153 -15.52 -29.14 -26.47
C GLU B 153 -14.77 -29.83 -25.34
N ARG B 154 -13.46 -29.64 -25.29
CA ARG B 154 -12.64 -30.24 -24.24
C ARG B 154 -13.09 -29.76 -22.86
N PHE B 155 -13.53 -28.51 -22.78
CA PHE B 155 -13.98 -27.97 -21.51
C PHE B 155 -15.18 -28.76 -21.00
N ALA B 156 -16.12 -29.07 -21.89
CA ALA B 156 -17.32 -29.81 -21.50
C ALA B 156 -17.04 -31.22 -21.00
N GLU B 157 -16.07 -31.89 -21.62
CA GLU B 157 -15.71 -33.24 -21.20
C GLU B 157 -15.06 -33.18 -19.81
N TYR B 158 -14.37 -32.08 -19.53
CA TYR B 158 -13.71 -31.87 -18.24
C TYR B 158 -14.78 -31.68 -17.17
N ALA B 159 -15.87 -31.01 -17.55
CA ALA B 159 -16.96 -30.76 -16.60
C ALA B 159 -17.60 -32.09 -16.18
N ALA B 160 -17.75 -33.01 -17.14
CA ALA B 160 -18.34 -34.30 -16.84
C ALA B 160 -17.43 -35.06 -15.90
N ILE B 161 -16.12 -34.98 -16.17
CA ILE B 161 -15.14 -35.65 -15.31
C ILE B 161 -15.29 -35.15 -13.88
N ALA B 162 -15.33 -33.82 -13.73
CA ALA B 162 -15.47 -33.18 -12.43
C ALA B 162 -16.76 -33.58 -11.73
N ALA B 163 -17.88 -33.51 -12.45
CA ALA B 163 -19.19 -33.85 -11.91
C ALA B 163 -19.23 -35.30 -11.46
N ASP B 164 -18.63 -36.19 -12.24
CA ASP B 164 -18.62 -37.61 -11.90
C ASP B 164 -17.85 -37.86 -10.61
N ALA B 165 -16.71 -37.20 -10.46
CA ALA B 165 -15.87 -37.36 -9.29
C ALA B 165 -16.33 -36.64 -8.04
N LEU B 166 -17.01 -35.51 -8.20
CA LEU B 166 -17.43 -34.71 -7.05
C LEU B 166 -18.94 -34.52 -6.89
N GLY B 167 -19.70 -35.15 -7.77
CA GLY B 167 -21.15 -35.02 -7.72
C GLY B 167 -21.81 -35.32 -6.38
N ASP B 168 -21.32 -36.34 -5.69
CA ASP B 168 -21.90 -36.72 -4.41
C ASP B 168 -21.54 -35.77 -3.27
N ARG B 169 -20.63 -34.84 -3.51
CA ARG B 169 -20.21 -33.91 -2.47
C ARG B 169 -20.50 -32.45 -2.77
N VAL B 170 -20.23 -32.04 -4.01
CA VAL B 170 -20.44 -30.66 -4.44
C VAL B 170 -21.77 -30.55 -5.17
N LYS B 171 -22.68 -29.75 -4.65
CA LYS B 171 -23.99 -29.61 -5.26
C LYS B 171 -24.22 -28.25 -5.93
N THR B 172 -23.25 -27.35 -5.81
CA THR B 172 -23.36 -26.02 -6.39
C THR B 172 -22.18 -25.84 -7.34
N TRP B 173 -22.49 -25.67 -8.63
CA TRP B 173 -21.46 -25.54 -9.65
C TRP B 173 -21.48 -24.29 -10.50
N THR B 174 -20.29 -23.88 -10.92
CA THR B 174 -20.12 -22.71 -11.78
C THR B 174 -19.22 -23.15 -12.92
N THR B 175 -19.63 -22.89 -14.16
CA THR B 175 -18.84 -23.29 -15.31
C THR B 175 -17.59 -22.42 -15.44
N LEU B 176 -17.82 -21.14 -15.73
CA LEU B 176 -16.76 -20.17 -15.93
C LEU B 176 -16.81 -19.00 -14.96
N ASN B 177 -15.65 -18.40 -14.73
CA ASN B 177 -15.55 -17.23 -13.89
C ASN B 177 -15.07 -16.10 -14.80
N GLU B 178 -15.88 -15.07 -14.92
CA GLU B 178 -15.55 -13.90 -15.73
C GLU B 178 -14.93 -14.18 -17.10
N PRO B 179 -15.73 -14.71 -18.05
CA PRO B 179 -15.21 -14.99 -19.39
C PRO B 179 -14.74 -13.74 -20.14
N TRP B 180 -15.26 -12.58 -19.75
CA TRP B 180 -14.85 -11.32 -20.38
C TRP B 180 -13.35 -11.11 -20.21
N CYS B 181 -12.85 -11.30 -18.98
CA CYS B 181 -11.43 -11.13 -18.71
C CYS B 181 -10.67 -12.16 -19.53
N SER B 182 -11.10 -13.41 -19.46
CA SER B 182 -10.46 -14.49 -20.20
C SER B 182 -10.31 -14.16 -21.68
N ALA B 183 -11.40 -13.72 -22.29
CA ALA B 183 -11.39 -13.42 -23.72
C ALA B 183 -10.67 -12.15 -24.13
N PHE B 184 -11.09 -11.03 -23.56
CA PHE B 184 -10.52 -9.74 -23.92
C PHE B 184 -9.20 -9.30 -23.32
N LEU B 185 -8.93 -9.67 -22.08
CA LEU B 185 -7.65 -9.30 -21.48
C LEU B 185 -6.64 -10.38 -21.87
N GLY B 186 -7.15 -11.60 -22.08
CA GLY B 186 -6.30 -12.71 -22.45
C GLY B 186 -5.91 -12.72 -23.91
N TYR B 187 -6.84 -12.38 -24.80
CA TYR B 187 -6.54 -12.40 -26.23
C TYR B 187 -6.69 -11.04 -26.91
N GLY B 188 -7.29 -10.09 -26.19
CA GLY B 188 -7.50 -8.76 -26.76
C GLY B 188 -6.38 -7.77 -26.49
N SER B 189 -6.20 -7.41 -25.21
CA SER B 189 -5.15 -6.47 -24.85
C SER B 189 -3.90 -7.20 -24.36
N GLY B 190 -4.04 -8.51 -24.18
CA GLY B 190 -2.93 -9.34 -23.74
C GLY B 190 -2.35 -9.06 -22.36
N VAL B 191 -3.10 -8.41 -21.48
CA VAL B 191 -2.60 -8.11 -20.15
C VAL B 191 -2.80 -9.29 -19.18
N HIS B 192 -3.47 -10.32 -19.67
CA HIS B 192 -3.69 -11.55 -18.91
C HIS B 192 -3.30 -12.72 -19.80
N ALA B 193 -3.04 -13.88 -19.20
CA ALA B 193 -2.67 -15.05 -19.98
C ALA B 193 -3.82 -15.39 -20.94
N PRO B 194 -3.49 -15.93 -22.12
CA PRO B 194 -2.15 -16.26 -22.61
C PRO B 194 -1.34 -15.04 -23.09
N GLY B 195 -1.95 -13.87 -23.11
CA GLY B 195 -1.23 -12.67 -23.51
C GLY B 195 -1.25 -12.33 -24.99
N ARG B 196 -2.26 -12.77 -25.70
CA ARG B 196 -2.36 -12.48 -27.12
C ARG B 196 -3.07 -11.15 -27.34
N THR B 197 -2.89 -10.57 -28.53
CA THR B 197 -3.49 -9.28 -28.83
C THR B 197 -4.05 -9.22 -30.26
N ASP B 198 -5.29 -9.68 -30.40
CA ASP B 198 -5.97 -9.69 -31.69
C ASP B 198 -7.46 -9.60 -31.41
N PRO B 199 -8.11 -8.53 -31.90
CA PRO B 199 -9.55 -8.35 -31.67
C PRO B 199 -10.42 -9.51 -32.15
N VAL B 200 -10.02 -10.18 -33.23
CA VAL B 200 -10.81 -11.29 -33.75
C VAL B 200 -10.66 -12.51 -32.85
N ALA B 201 -9.44 -12.73 -32.36
CA ALA B 201 -9.18 -13.86 -31.47
C ALA B 201 -9.97 -13.64 -30.19
N ALA B 202 -9.99 -12.40 -29.72
CA ALA B 202 -10.73 -12.07 -28.50
C ALA B 202 -12.20 -12.39 -28.70
N LEU B 203 -12.75 -11.98 -29.84
CA LEU B 203 -14.15 -12.24 -30.13
C LEU B 203 -14.45 -13.72 -30.30
N ARG B 204 -13.55 -14.46 -30.94
CA ARG B 204 -13.76 -15.90 -31.12
C ARG B 204 -13.71 -16.57 -29.73
N ALA B 205 -12.76 -16.11 -28.92
CA ALA B 205 -12.59 -16.64 -27.58
C ALA B 205 -13.88 -16.41 -26.80
N ALA B 206 -14.49 -15.25 -26.99
CA ALA B 206 -15.74 -14.95 -26.29
C ALA B 206 -16.86 -15.92 -26.69
N HIS B 207 -16.91 -16.29 -27.97
CA HIS B 207 -17.95 -17.20 -28.43
C HIS B 207 -17.74 -18.63 -27.95
N HIS B 208 -16.50 -19.08 -27.95
CA HIS B 208 -16.20 -20.43 -27.49
C HIS B 208 -16.37 -20.56 -25.98
N LEU B 209 -16.30 -19.43 -25.28
CA LEU B 209 -16.52 -19.42 -23.83
C LEU B 209 -18.03 -19.57 -23.64
N ASN B 210 -18.79 -18.84 -24.45
CA ASN B 210 -20.25 -18.92 -24.42
C ASN B 210 -20.63 -20.36 -24.73
N LEU B 211 -19.98 -20.92 -25.74
CA LEU B 211 -20.25 -22.30 -26.14
C LEU B 211 -19.81 -23.28 -25.05
N GLY B 212 -18.54 -23.21 -24.69
CA GLY B 212 -18.02 -24.10 -23.65
C GLY B 212 -18.94 -24.10 -22.45
N HIS B 213 -19.39 -22.90 -22.07
CA HIS B 213 -20.30 -22.74 -20.93
C HIS B 213 -21.53 -23.61 -21.12
N GLY B 214 -22.20 -23.42 -22.26
CA GLY B 214 -23.41 -24.17 -22.57
C GLY B 214 -23.22 -25.67 -22.55
N LEU B 215 -22.15 -26.13 -23.18
CA LEU B 215 -21.87 -27.55 -23.24
C LEU B 215 -21.63 -28.08 -21.83
N ALA B 216 -20.90 -27.31 -21.03
CA ALA B 216 -20.61 -27.70 -19.65
C ALA B 216 -21.90 -27.84 -18.85
N VAL B 217 -22.77 -26.83 -18.92
CA VAL B 217 -24.03 -26.91 -18.19
C VAL B 217 -24.78 -28.16 -18.62
N GLN B 218 -24.63 -28.52 -19.89
CA GLN B 218 -25.30 -29.71 -20.42
C GLN B 218 -24.75 -30.97 -19.75
N ALA B 219 -23.43 -30.99 -19.57
CA ALA B 219 -22.76 -32.13 -18.95
C ALA B 219 -23.11 -32.21 -17.46
N LEU B 220 -23.11 -31.06 -16.79
CA LEU B 220 -23.42 -31.00 -15.38
C LEU B 220 -24.87 -31.44 -15.12
N ARG B 221 -25.78 -30.98 -15.97
CA ARG B 221 -27.19 -31.37 -15.83
C ARG B 221 -27.39 -32.87 -16.03
N ASP B 222 -26.54 -33.47 -16.86
CA ASP B 222 -26.62 -34.88 -17.18
C ASP B 222 -25.98 -35.81 -16.15
N ARG B 223 -24.86 -35.37 -15.57
CA ARG B 223 -24.12 -36.20 -14.61
C ARG B 223 -24.35 -35.95 -13.12
N LEU B 224 -25.03 -34.87 -12.76
CA LEU B 224 -25.26 -34.55 -11.35
C LEU B 224 -26.67 -34.87 -10.88
N PRO B 225 -26.84 -35.09 -9.57
CA PRO B 225 -28.15 -35.41 -8.98
C PRO B 225 -29.15 -34.34 -9.38
N ALA B 226 -30.44 -34.67 -9.30
CA ALA B 226 -31.48 -33.72 -9.68
C ALA B 226 -31.47 -32.44 -8.84
N ASP B 227 -30.91 -32.52 -7.64
CA ASP B 227 -30.88 -31.36 -6.74
C ASP B 227 -29.66 -30.43 -6.90
N ALA B 228 -28.73 -30.77 -7.77
CA ALA B 228 -27.54 -29.94 -7.96
C ALA B 228 -27.92 -28.58 -8.56
N GLN B 229 -27.14 -27.54 -8.25
CA GLN B 229 -27.41 -26.21 -8.79
C GLN B 229 -26.26 -25.78 -9.70
N CYS B 230 -26.60 -25.46 -10.95
CA CYS B 230 -25.61 -25.03 -11.93
C CYS B 230 -25.70 -23.56 -12.27
N SER B 231 -24.56 -22.97 -12.59
CA SER B 231 -24.50 -21.55 -12.89
C SER B 231 -23.25 -21.08 -13.63
N VAL B 232 -23.19 -19.77 -13.88
CA VAL B 232 -22.05 -19.14 -14.52
C VAL B 232 -21.77 -17.85 -13.75
N THR B 233 -20.52 -17.42 -13.70
CA THR B 233 -20.16 -16.21 -12.97
C THR B 233 -19.63 -15.13 -13.91
N LEU B 234 -20.33 -14.00 -13.95
CA LEU B 234 -19.95 -12.91 -14.82
C LEU B 234 -19.67 -11.65 -14.03
N ASN B 235 -18.60 -10.96 -14.40
CA ASN B 235 -18.29 -9.69 -13.77
C ASN B 235 -19.08 -8.73 -14.64
N ILE B 236 -20.20 -8.27 -14.12
CA ILE B 236 -21.08 -7.36 -14.85
C ILE B 236 -20.57 -5.93 -14.70
N HIS B 237 -20.06 -5.36 -15.80
CA HIS B 237 -19.57 -3.99 -15.79
C HIS B 237 -20.77 -3.05 -15.69
N HIS B 238 -20.83 -2.22 -14.66
CA HIS B 238 -21.93 -1.28 -14.55
C HIS B 238 -21.44 -0.01 -15.24
N VAL B 239 -21.79 0.12 -16.51
CA VAL B 239 -21.34 1.25 -17.31
C VAL B 239 -22.17 2.52 -17.19
N ARG B 240 -21.50 3.63 -16.91
CA ARG B 240 -22.14 4.93 -16.78
C ARG B 240 -21.47 5.94 -17.73
N PRO B 241 -22.22 6.95 -18.18
CA PRO B 241 -21.70 7.98 -19.09
C PRO B 241 -21.10 9.13 -18.31
N LEU B 242 -20.01 9.71 -18.82
CA LEU B 242 -19.38 10.84 -18.15
C LEU B 242 -20.35 12.02 -18.11
N THR B 243 -21.00 12.28 -19.24
CA THR B 243 -21.96 13.37 -19.35
C THR B 243 -23.29 12.83 -19.85
N ASP B 244 -24.30 13.69 -19.94
CA ASP B 244 -25.62 13.28 -20.41
C ASP B 244 -25.77 13.41 -21.92
N SER B 245 -24.66 13.48 -22.65
CA SER B 245 -24.71 13.62 -24.09
C SER B 245 -25.09 12.29 -24.71
N ASP B 246 -25.62 12.33 -25.93
CA ASP B 246 -26.04 11.11 -26.61
C ASP B 246 -24.82 10.30 -27.04
N ALA B 247 -23.73 11.00 -27.36
CA ALA B 247 -22.50 10.33 -27.78
C ALA B 247 -22.00 9.44 -26.64
N ASP B 248 -22.06 9.96 -25.41
CA ASP B 248 -21.63 9.22 -24.25
C ASP B 248 -22.58 8.06 -23.96
N ALA B 249 -23.88 8.31 -24.11
CA ALA B 249 -24.89 7.28 -23.88
C ALA B 249 -24.60 6.12 -24.83
N ASP B 250 -24.24 6.44 -26.07
CA ASP B 250 -23.95 5.40 -27.04
C ASP B 250 -22.64 4.67 -26.70
N ALA B 251 -21.70 5.36 -26.07
CA ALA B 251 -20.43 4.73 -25.69
C ALA B 251 -20.76 3.71 -24.60
N VAL B 252 -21.71 4.08 -23.74
CA VAL B 252 -22.16 3.20 -22.68
C VAL B 252 -22.77 1.95 -23.34
N ARG B 253 -23.60 2.18 -24.34
CA ARG B 253 -24.24 1.06 -25.05
C ARG B 253 -23.20 0.13 -25.65
N ARG B 254 -22.19 0.71 -26.30
CA ARG B 254 -21.14 -0.08 -26.95
C ARG B 254 -20.32 -0.90 -25.97
N ILE B 255 -19.95 -0.30 -24.84
CA ILE B 255 -19.17 -0.98 -23.81
C ILE B 255 -19.99 -2.00 -23.05
N ASP B 256 -21.30 -1.75 -22.92
CA ASP B 256 -22.17 -2.67 -22.20
C ASP B 256 -22.39 -3.93 -23.03
N ALA B 257 -22.32 -3.78 -24.35
CA ALA B 257 -22.48 -4.91 -25.25
C ALA B 257 -21.23 -5.77 -25.25
N LEU B 258 -20.06 -5.14 -25.32
CA LEU B 258 -18.79 -5.86 -25.32
C LEU B 258 -18.48 -6.51 -23.97
N ALA B 259 -18.86 -5.83 -22.89
CA ALA B 259 -18.58 -6.34 -21.54
C ALA B 259 -19.59 -7.33 -20.99
N ASN B 260 -20.87 -7.03 -21.18
CA ASN B 260 -21.91 -7.88 -20.62
C ASN B 260 -22.77 -8.70 -21.58
N ARG B 261 -23.51 -8.03 -22.46
CA ARG B 261 -24.40 -8.72 -23.37
C ARG B 261 -23.75 -9.70 -24.34
N VAL B 262 -22.47 -9.52 -24.62
CA VAL B 262 -21.79 -10.47 -25.49
C VAL B 262 -21.90 -11.85 -24.81
N PHE B 263 -22.13 -11.82 -23.50
CA PHE B 263 -22.27 -13.05 -22.72
C PHE B 263 -23.72 -13.29 -22.25
N THR B 264 -24.35 -12.28 -21.66
CA THR B 264 -25.72 -12.47 -21.19
C THR B 264 -26.66 -12.74 -22.37
N GLY B 265 -26.37 -12.15 -23.51
CA GLY B 265 -27.20 -12.39 -24.69
C GLY B 265 -27.24 -13.87 -25.04
N PRO B 266 -26.10 -14.50 -25.34
CA PRO B 266 -26.11 -15.91 -25.69
C PRO B 266 -26.48 -16.83 -24.52
N MET B 267 -25.84 -16.65 -23.38
CA MET B 267 -26.09 -17.48 -22.21
C MET B 267 -27.50 -17.46 -21.65
N LEU B 268 -28.10 -16.28 -21.56
CA LEU B 268 -29.44 -16.17 -20.99
C LEU B 268 -30.56 -15.92 -22.00
N GLN B 269 -30.22 -15.56 -23.24
CA GLN B 269 -31.27 -15.29 -24.22
C GLN B 269 -31.15 -16.06 -25.53
N GLY B 270 -30.04 -16.78 -25.71
CA GLY B 270 -29.86 -17.55 -26.92
C GLY B 270 -29.60 -16.76 -28.19
N ALA B 271 -28.97 -15.60 -28.07
CA ALA B 271 -28.68 -14.78 -29.25
C ALA B 271 -27.77 -13.60 -28.95
N TYR B 272 -26.84 -13.31 -29.87
CA TYR B 272 -25.94 -12.18 -29.70
C TYR B 272 -26.74 -10.90 -29.94
N PRO B 273 -26.47 -9.84 -29.15
CA PRO B 273 -27.23 -8.61 -29.39
C PRO B 273 -26.87 -8.08 -30.79
N GLU B 274 -27.89 -7.66 -31.52
CA GLU B 274 -27.69 -7.14 -32.87
C GLU B 274 -26.73 -5.94 -32.92
N ASP B 275 -26.83 -5.04 -31.96
CA ASP B 275 -25.93 -3.88 -31.97
C ASP B 275 -24.47 -4.32 -31.85
N LEU B 276 -24.23 -5.40 -31.11
CA LEU B 276 -22.87 -5.91 -30.96
C LEU B 276 -22.36 -6.38 -32.32
N VAL B 277 -23.22 -7.06 -33.06
CA VAL B 277 -22.85 -7.57 -34.37
C VAL B 277 -22.46 -6.41 -35.31
N LYS B 278 -23.27 -5.36 -35.31
CA LYS B 278 -22.99 -4.21 -36.16
C LYS B 278 -21.69 -3.52 -35.74
N ASP B 279 -21.54 -3.26 -34.45
CA ASP B 279 -20.34 -2.61 -33.92
C ASP B 279 -19.07 -3.30 -34.36
N THR B 280 -19.09 -4.64 -34.39
CA THR B 280 -17.90 -5.43 -34.75
C THR B 280 -17.84 -5.84 -36.22
N ALA B 281 -18.79 -5.36 -37.02
CA ALA B 281 -18.86 -5.69 -38.45
C ALA B 281 -17.54 -5.47 -39.20
N GLY B 282 -16.80 -4.43 -38.81
CA GLY B 282 -15.54 -4.17 -39.47
C GLY B 282 -14.45 -5.14 -39.10
N LEU B 283 -14.66 -5.87 -38.01
CA LEU B 283 -13.68 -6.84 -37.51
C LEU B 283 -14.01 -8.26 -37.94
N THR B 284 -15.28 -8.63 -37.86
CA THR B 284 -15.67 -10.00 -38.19
C THR B 284 -17.14 -10.13 -38.59
N ASP B 285 -17.45 -11.22 -39.29
CA ASP B 285 -18.80 -11.51 -39.71
C ASP B 285 -19.32 -12.66 -38.83
N TRP B 286 -18.60 -12.94 -37.75
CA TRP B 286 -18.95 -14.00 -36.81
C TRP B 286 -19.30 -15.32 -37.48
N SER B 287 -18.51 -15.72 -38.48
CA SER B 287 -18.76 -16.97 -39.19
C SER B 287 -18.45 -18.17 -38.30
N PHE B 288 -17.63 -17.97 -37.27
CA PHE B 288 -17.28 -19.06 -36.36
C PHE B 288 -18.47 -19.49 -35.52
N VAL B 289 -19.54 -18.70 -35.54
CA VAL B 289 -20.75 -19.03 -34.81
C VAL B 289 -21.50 -19.99 -35.71
N ARG B 290 -21.45 -21.29 -35.40
CA ARG B 290 -22.12 -22.29 -36.22
C ARG B 290 -23.59 -22.48 -35.91
N ASP B 291 -24.31 -23.06 -36.87
CA ASP B 291 -25.73 -23.34 -36.70
C ASP B 291 -25.88 -24.15 -35.42
N GLY B 292 -26.85 -23.79 -34.58
CA GLY B 292 -27.07 -24.51 -33.33
C GLY B 292 -26.27 -24.06 -32.11
N ASP B 293 -25.23 -23.26 -32.31
CA ASP B 293 -24.41 -22.78 -31.20
C ASP B 293 -25.13 -21.92 -30.18
N LEU B 294 -25.97 -21.01 -30.64
CA LEU B 294 -26.70 -20.16 -29.72
C LEU B 294 -27.56 -21.00 -28.77
N ARG B 295 -28.26 -22.00 -29.31
CA ARG B 295 -29.09 -22.85 -28.47
C ARG B 295 -28.21 -23.64 -27.51
N LEU B 296 -27.07 -24.11 -27.99
CA LEU B 296 -26.15 -24.86 -27.14
C LEU B 296 -25.64 -24.02 -25.96
N ALA B 297 -25.35 -22.74 -26.22
CA ALA B 297 -24.86 -21.85 -25.19
C ALA B 297 -25.96 -21.45 -24.22
N HIS B 298 -27.20 -21.44 -24.71
CA HIS B 298 -28.34 -21.06 -23.90
C HIS B 298 -28.94 -22.24 -23.12
N GLN B 299 -28.41 -22.49 -21.93
CA GLN B 299 -28.90 -23.59 -21.10
C GLN B 299 -29.53 -23.01 -19.83
N LYS B 300 -30.41 -23.78 -19.20
CA LYS B 300 -31.05 -23.33 -17.98
C LYS B 300 -30.05 -23.23 -16.83
N LEU B 301 -30.13 -22.15 -16.08
CA LEU B 301 -29.25 -21.94 -14.94
C LEU B 301 -30.08 -21.88 -13.68
N ASP B 302 -29.55 -22.40 -12.58
CA ASP B 302 -30.29 -22.35 -11.34
C ASP B 302 -30.04 -20.99 -10.70
N PHE B 303 -28.99 -20.30 -11.15
CA PHE B 303 -28.69 -18.97 -10.64
C PHE B 303 -27.54 -18.30 -11.40
N LEU B 304 -27.42 -16.98 -11.27
CA LEU B 304 -26.37 -16.25 -11.96
C LEU B 304 -25.36 -15.76 -10.94
N GLY B 305 -24.09 -16.01 -11.22
CA GLY B 305 -23.03 -15.55 -10.34
C GLY B 305 -22.62 -14.15 -10.75
N VAL B 306 -22.75 -13.19 -9.84
CA VAL B 306 -22.39 -11.81 -10.13
C VAL B 306 -21.14 -11.34 -9.39
N ASN B 307 -20.16 -10.84 -10.15
CA ASN B 307 -18.93 -10.30 -9.57
C ASN B 307 -18.94 -8.79 -9.80
N TYR B 308 -18.71 -8.03 -8.73
CA TYR B 308 -18.69 -6.57 -8.82
C TYR B 308 -17.68 -5.97 -7.85
N TYR B 309 -16.98 -4.93 -8.31
CA TYR B 309 -16.00 -4.23 -7.47
C TYR B 309 -16.12 -2.73 -7.60
N SER B 310 -16.26 -2.26 -8.84
CA SER B 310 -16.33 -0.83 -9.11
C SER B 310 -17.05 -0.49 -10.43
N PRO B 311 -17.57 0.74 -10.56
CA PRO B 311 -18.28 1.19 -11.76
C PRO B 311 -17.37 1.44 -12.96
N THR B 312 -17.99 1.71 -14.12
CA THR B 312 -17.22 1.98 -15.33
C THR B 312 -17.76 3.27 -15.94
N VAL B 314 -17.66 6.01 -18.95
CA VAL B 314 -17.14 6.14 -20.31
C VAL B 314 -17.74 7.35 -21.02
N SER B 315 -17.13 7.73 -22.13
CA SER B 315 -17.57 8.86 -22.92
C SER B 315 -17.14 8.60 -24.36
N HIS B 333 -2.89 -2.20 -27.53
CA HIS B 333 -3.94 -3.21 -27.87
C HIS B 333 -5.10 -3.09 -26.88
N SER B 334 -6.31 -2.95 -27.41
CA SER B 334 -7.53 -2.81 -26.61
C SER B 334 -8.26 -4.10 -26.36
N PRO B 335 -8.92 -4.19 -25.19
CA PRO B 335 -9.70 -5.36 -24.75
C PRO B 335 -11.17 -5.04 -25.09
N TRP B 336 -11.36 -4.00 -25.91
CA TRP B 336 -12.70 -3.60 -26.32
C TRP B 336 -12.71 -3.51 -27.85
N PRO B 337 -12.69 -4.66 -28.54
CA PRO B 337 -12.68 -4.67 -30.01
C PRO B 337 -13.75 -3.78 -30.66
N GLY B 338 -13.31 -2.86 -31.51
CA GLY B 338 -14.23 -1.98 -32.21
C GLY B 338 -14.77 -0.78 -31.46
N ALA B 339 -14.36 -0.59 -30.21
CA ALA B 339 -14.82 0.54 -29.40
C ALA B 339 -13.68 1.53 -29.15
N ASP B 340 -12.91 1.81 -30.19
CA ASP B 340 -11.79 2.74 -30.08
C ASP B 340 -12.22 4.19 -29.95
N ARG B 341 -13.44 4.50 -30.42
CA ARG B 341 -13.96 5.87 -30.35
C ARG B 341 -14.34 6.22 -28.91
N VAL B 342 -13.94 5.37 -27.97
CA VAL B 342 -14.24 5.59 -26.57
C VAL B 342 -12.97 5.96 -25.81
N ALA B 343 -13.15 6.38 -24.57
CA ALA B 343 -12.06 6.80 -23.70
C ALA B 343 -12.60 6.61 -22.29
N PHE B 344 -11.96 5.76 -21.51
CA PHE B 344 -12.43 5.49 -20.16
C PHE B 344 -12.04 6.54 -19.12
N HIS B 345 -12.77 6.56 -18.01
CA HIS B 345 -12.53 7.53 -16.95
C HIS B 345 -12.56 6.96 -15.54
N GLN B 346 -11.99 7.71 -14.59
CA GLN B 346 -11.97 7.32 -13.19
C GLN B 346 -13.27 7.76 -12.52
N PRO B 347 -14.11 6.79 -12.11
CA PRO B 347 -15.38 7.12 -11.46
C PRO B 347 -15.11 7.87 -10.16
N PRO B 348 -16.06 8.70 -9.72
CA PRO B 348 -15.88 9.46 -8.49
C PRO B 348 -15.97 8.60 -7.23
N GLY B 349 -15.25 9.02 -6.18
CA GLY B 349 -15.27 8.29 -4.92
C GLY B 349 -13.90 7.96 -4.36
N GLU B 350 -13.87 7.42 -3.15
CA GLU B 350 -12.61 7.01 -2.52
C GLU B 350 -12.10 5.86 -3.36
N THR B 351 -10.81 5.56 -3.23
CA THR B 351 -10.24 4.46 -4.00
C THR B 351 -9.60 3.40 -3.11
N THR B 352 -9.44 2.20 -3.66
CA THR B 352 -8.83 1.09 -2.95
C THR B 352 -7.37 1.00 -3.37
N ALA B 353 -6.70 -0.09 -2.99
CA ALA B 353 -5.31 -0.29 -3.34
C ALA B 353 -5.14 -0.45 -4.85
N MET B 354 -6.20 -0.90 -5.52
CA MET B 354 -6.17 -1.08 -6.96
C MET B 354 -6.37 0.28 -7.62
N GLY B 355 -6.71 1.26 -6.80
CA GLY B 355 -6.98 2.61 -7.28
C GLY B 355 -8.39 2.67 -7.86
N TRP B 356 -9.18 1.62 -7.65
CA TRP B 356 -10.54 1.57 -8.16
C TRP B 356 -11.46 2.39 -7.27
N ALA B 357 -12.44 3.03 -7.88
CA ALA B 357 -13.41 3.83 -7.15
C ALA B 357 -14.34 2.94 -6.32
N VAL B 358 -14.65 3.39 -5.11
CA VAL B 358 -15.54 2.67 -4.23
C VAL B 358 -16.91 3.31 -4.37
N ASP B 359 -17.88 2.55 -4.86
CA ASP B 359 -19.23 3.09 -5.06
C ASP B 359 -20.28 1.99 -4.97
N PRO B 360 -20.84 1.78 -3.78
CA PRO B 360 -21.86 0.77 -3.56
C PRO B 360 -23.11 0.98 -4.41
N SER B 361 -23.35 2.21 -4.84
CA SER B 361 -24.54 2.48 -5.65
C SER B 361 -24.48 1.74 -6.98
N GLY B 362 -23.28 1.41 -7.43
CA GLY B 362 -23.12 0.69 -8.67
C GLY B 362 -23.63 -0.74 -8.53
N LEU B 363 -23.39 -1.34 -7.37
CA LEU B 363 -23.84 -2.71 -7.11
C LEU B 363 -25.35 -2.76 -7.01
N TYR B 364 -25.93 -1.73 -6.38
CA TYR B 364 -27.38 -1.67 -6.24
C TYR B 364 -28.03 -1.56 -7.60
N GLU B 365 -27.57 -0.60 -8.39
CA GLU B 365 -28.11 -0.37 -9.72
C GLU B 365 -27.92 -1.61 -10.58
N LEU B 366 -26.72 -2.18 -10.50
CA LEU B 366 -26.37 -3.39 -11.24
C LEU B 366 -27.39 -4.48 -10.91
N LEU B 367 -27.65 -4.66 -9.62
CA LEU B 367 -28.59 -5.68 -9.17
C LEU B 367 -30.01 -5.37 -9.66
N ARG B 368 -30.39 -4.11 -9.66
CA ARG B 368 -31.73 -3.73 -10.12
C ARG B 368 -31.89 -3.95 -11.62
N ARG B 369 -30.86 -3.71 -12.41
CA ARG B 369 -30.96 -3.92 -13.85
C ARG B 369 -31.09 -5.41 -14.13
N LEU B 370 -30.28 -6.22 -13.44
CA LEU B 370 -30.31 -7.67 -13.64
C LEU B 370 -31.70 -8.23 -13.35
N SER B 371 -32.32 -7.75 -12.27
CA SER B 371 -33.64 -8.20 -11.88
C SER B 371 -34.67 -7.79 -12.93
N SER B 372 -34.42 -6.67 -13.57
CA SER B 372 -35.31 -6.16 -14.61
C SER B 372 -35.20 -6.98 -15.90
N ASP B 373 -33.97 -7.27 -16.31
CA ASP B 373 -33.73 -8.03 -17.53
C ASP B 373 -33.94 -9.54 -17.38
N PHE B 374 -33.74 -10.06 -16.18
CA PHE B 374 -33.89 -11.50 -15.93
C PHE B 374 -34.54 -11.71 -14.56
N PRO B 375 -35.82 -11.33 -14.43
CA PRO B 375 -36.56 -11.47 -13.16
C PRO B 375 -36.67 -12.85 -12.54
N ALA B 376 -36.64 -13.90 -13.36
CA ALA B 376 -36.76 -15.25 -12.85
C ALA B 376 -35.44 -15.96 -12.66
N LEU B 377 -34.33 -15.22 -12.71
CA LEU B 377 -33.00 -15.81 -12.55
C LEU B 377 -32.40 -15.43 -11.19
N PRO B 378 -32.37 -16.39 -10.25
CA PRO B 378 -31.80 -16.12 -8.92
C PRO B 378 -30.39 -15.52 -9.05
N LEU B 379 -30.08 -14.58 -8.18
CA LEU B 379 -28.78 -13.94 -8.23
C LEU B 379 -27.92 -14.26 -7.00
N VAL B 380 -26.62 -14.42 -7.22
CA VAL B 380 -25.68 -14.68 -6.14
C VAL B 380 -24.44 -13.83 -6.37
N ILE B 381 -24.07 -13.04 -5.36
CA ILE B 381 -22.87 -12.21 -5.46
C ILE B 381 -21.72 -13.18 -5.20
N THR B 382 -21.11 -13.69 -6.25
CA THR B 382 -20.01 -14.63 -6.11
C THR B 382 -18.65 -13.98 -5.87
N GLU B 383 -18.61 -12.65 -5.96
CA GLU B 383 -17.38 -11.91 -5.72
C GLU B 383 -17.60 -10.43 -5.47
N ASN B 384 -17.08 -9.96 -4.34
CA ASN B 384 -17.13 -8.55 -3.95
C ASN B 384 -16.14 -8.41 -2.81
N GLY B 385 -15.29 -7.40 -2.89
CA GLY B 385 -14.30 -7.19 -1.86
C GLY B 385 -13.43 -6.02 -2.24
N ALA B 386 -12.34 -5.81 -1.50
CA ALA B 386 -11.46 -4.71 -1.80
C ALA B 386 -10.03 -4.97 -1.36
N ALA B 387 -9.10 -4.39 -2.10
CA ALA B 387 -7.70 -4.52 -1.79
C ALA B 387 -7.25 -3.24 -1.10
N PHE B 388 -6.58 -3.40 0.04
CA PHE B 388 -6.03 -2.26 0.77
C PHE B 388 -4.61 -2.70 1.17
N HIS B 389 -3.77 -1.73 1.49
CA HIS B 389 -2.40 -2.05 1.85
C HIS B 389 -2.26 -2.46 3.33
N ASP B 390 -2.74 -3.67 3.61
CA ASP B 390 -2.72 -4.22 4.96
C ASP B 390 -1.31 -4.59 5.40
N TYR B 391 -1.13 -4.69 6.71
CA TYR B 391 0.16 -5.04 7.29
C TYR B 391 -0.05 -5.60 8.69
N ALA B 392 0.86 -6.48 9.11
CA ALA B 392 0.79 -7.04 10.45
C ALA B 392 1.65 -6.14 11.32
N ASP B 393 1.09 -5.66 12.43
CA ASP B 393 1.83 -4.77 13.32
C ASP B 393 2.72 -5.58 14.27
N PRO B 394 3.59 -4.90 15.03
CA PRO B 394 4.47 -5.62 15.97
C PRO B 394 3.75 -6.56 16.93
N GLU B 395 2.47 -6.31 17.19
CA GLU B 395 1.71 -7.16 18.08
C GLU B 395 1.00 -8.30 17.36
N GLY B 396 1.26 -8.42 16.06
CA GLY B 396 0.67 -9.51 15.29
C GLY B 396 -0.73 -9.30 14.74
N ASN B 397 -1.28 -8.09 14.92
CA ASN B 397 -2.62 -7.79 14.44
C ASN B 397 -2.61 -7.15 13.07
N VAL B 398 -3.67 -7.41 12.30
CA VAL B 398 -3.83 -6.85 10.97
C VAL B 398 -5.17 -6.11 10.98
N ASN B 399 -5.11 -4.78 11.06
CA ASN B 399 -6.30 -3.95 11.11
C ASN B 399 -6.69 -3.37 9.77
N ASP B 400 -7.88 -3.71 9.31
CA ASP B 400 -8.38 -3.23 8.01
C ASP B 400 -9.77 -2.60 8.11
N PRO B 401 -9.90 -1.48 8.85
CA PRO B 401 -11.20 -0.83 8.97
C PRO B 401 -11.78 -0.37 7.64
N GLU B 402 -10.92 -0.09 6.67
CA GLU B 402 -11.37 0.34 5.34
C GLU B 402 -12.07 -0.78 4.59
N ARG B 403 -11.63 -2.02 4.79
CA ARG B 403 -12.26 -3.14 4.13
C ARG B 403 -13.63 -3.38 4.79
N ILE B 404 -13.67 -3.18 6.11
CA ILE B 404 -14.93 -3.35 6.84
C ILE B 404 -15.93 -2.32 6.34
N ALA B 405 -15.49 -1.07 6.17
CA ALA B 405 -16.39 -0.02 5.69
C ALA B 405 -16.88 -0.36 4.28
N TYR B 406 -15.97 -0.88 3.45
CA TYR B 406 -16.28 -1.24 2.09
C TYR B 406 -17.34 -2.35 2.03
N VAL B 407 -17.06 -3.46 2.69
CA VAL B 407 -17.99 -4.59 2.69
C VAL B 407 -19.34 -4.24 3.30
N ARG B 408 -19.34 -3.44 4.38
CA ARG B 408 -20.58 -3.03 5.02
C ARG B 408 -21.42 -2.20 4.06
N ASP B 409 -20.82 -1.20 3.45
CA ASP B 409 -21.53 -0.34 2.50
C ASP B 409 -22.11 -1.11 1.33
N HIS B 410 -21.37 -2.09 0.82
CA HIS B 410 -21.88 -2.86 -0.32
C HIS B 410 -22.96 -3.82 0.10
N LEU B 411 -22.83 -4.39 1.29
CA LEU B 411 -23.85 -5.31 1.80
C LEU B 411 -25.14 -4.52 2.02
N ALA B 412 -25.01 -3.26 2.42
CA ALA B 412 -26.18 -2.43 2.64
C ALA B 412 -26.86 -2.20 1.28
N ALA B 413 -26.05 -2.09 0.23
CA ALA B 413 -26.56 -1.87 -1.12
C ALA B 413 -27.30 -3.11 -1.59
N VAL B 414 -26.76 -4.28 -1.22
CA VAL B 414 -27.35 -5.55 -1.57
C VAL B 414 -28.68 -5.70 -0.82
N HIS B 415 -28.67 -5.31 0.45
CA HIS B 415 -29.87 -5.39 1.28
C HIS B 415 -30.97 -4.50 0.73
N ARG B 416 -30.60 -3.35 0.17
CA ARG B 416 -31.60 -2.45 -0.38
C ARG B 416 -32.21 -3.14 -1.60
N ALA B 417 -31.34 -3.63 -2.48
CA ALA B 417 -31.77 -4.32 -3.69
C ALA B 417 -32.78 -5.43 -3.38
N ILE B 418 -32.54 -6.14 -2.28
CA ILE B 418 -33.42 -7.21 -1.88
C ILE B 418 -34.78 -6.65 -1.45
N LYS B 419 -34.76 -5.57 -0.67
CA LYS B 419 -36.00 -4.98 -0.21
C LYS B 419 -36.78 -4.47 -1.42
N ASP B 420 -36.05 -4.09 -2.46
CA ASP B 420 -36.70 -3.59 -3.66
C ASP B 420 -37.14 -4.69 -4.62
N GLY B 421 -36.97 -5.95 -4.21
CA GLY B 421 -37.40 -7.05 -5.05
C GLY B 421 -36.34 -7.96 -5.67
N SER B 422 -35.09 -7.53 -5.65
CA SER B 422 -34.01 -8.33 -6.24
C SER B 422 -33.84 -9.68 -5.55
N ASP B 423 -33.78 -10.74 -6.34
CA ASP B 423 -33.63 -12.10 -5.82
C ASP B 423 -32.17 -12.49 -5.65
N VAL B 424 -31.53 -11.92 -4.63
CA VAL B 424 -30.13 -12.19 -4.31
C VAL B 424 -30.13 -13.20 -3.15
N ARG B 425 -29.52 -14.35 -3.37
CA ARG B 425 -29.54 -15.39 -2.36
C ARG B 425 -28.26 -15.67 -1.58
N GLY B 426 -27.18 -15.00 -1.95
CA GLY B 426 -25.94 -15.21 -1.25
C GLY B 426 -24.90 -14.15 -1.54
N TYR B 427 -23.82 -14.17 -0.76
CA TYR B 427 -22.76 -13.22 -0.90
C TYR B 427 -21.43 -13.87 -0.53
N PHE B 428 -20.47 -13.81 -1.43
CA PHE B 428 -19.16 -14.38 -1.19
C PHE B 428 -18.09 -13.31 -1.20
N LEU B 429 -17.43 -13.13 -0.06
CA LEU B 429 -16.38 -12.13 0.06
C LEU B 429 -15.14 -12.57 -0.69
N TRP B 430 -14.63 -11.70 -1.55
CA TRP B 430 -13.38 -12.00 -2.24
C TRP B 430 -12.36 -11.17 -1.47
N SER B 431 -11.39 -11.81 -0.83
CA SER B 431 -11.24 -13.26 -0.85
C SER B 431 -11.02 -13.74 0.58
N LEU B 432 -10.99 -15.04 0.79
CA LEU B 432 -10.75 -15.57 2.12
C LEU B 432 -9.31 -15.22 2.50
N LEU B 433 -8.41 -15.31 1.52
CA LEU B 433 -7.00 -15.06 1.77
C LEU B 433 -6.34 -14.07 0.81
N ASP B 434 -5.32 -13.40 1.32
CA ASP B 434 -4.53 -12.51 0.48
C ASP B 434 -3.95 -13.53 -0.50
N ASN B 435 -3.83 -13.18 -1.77
CA ASN B 435 -3.30 -14.16 -2.73
C ASN B 435 -2.66 -13.53 -3.96
N PHE B 436 -2.29 -14.36 -4.91
CA PHE B 436 -1.67 -13.92 -6.16
C PHE B 436 -2.72 -13.22 -7.01
N GLU B 437 -2.69 -11.88 -7.00
CA GLU B 437 -3.65 -11.08 -7.73
C GLU B 437 -3.24 -10.86 -9.20
N TRP B 438 -3.16 -11.96 -9.92
CA TRP B 438 -2.83 -11.99 -11.33
C TRP B 438 -1.66 -11.08 -11.74
N ALA B 439 -1.86 -10.24 -12.76
CA ALA B 439 -0.79 -9.37 -13.24
C ALA B 439 -0.16 -8.50 -12.16
N HIS B 440 -0.89 -8.25 -11.07
CA HIS B 440 -0.38 -7.43 -9.97
C HIS B 440 0.44 -8.25 -8.99
N GLY B 441 0.50 -9.56 -9.21
CA GLY B 441 1.26 -10.41 -8.32
C GLY B 441 0.72 -10.32 -6.90
N TYR B 442 1.62 -10.37 -5.92
CA TYR B 442 1.20 -10.31 -4.52
C TYR B 442 1.15 -8.88 -3.97
N SER B 443 1.19 -7.87 -4.84
CA SER B 443 1.15 -6.47 -4.41
C SER B 443 -0.23 -5.98 -3.95
N LYS B 444 -1.27 -6.78 -4.22
CA LYS B 444 -2.63 -6.43 -3.85
C LYS B 444 -3.25 -7.49 -2.93
N ARG B 445 -3.67 -7.06 -1.75
CA ARG B 445 -4.26 -7.95 -0.75
C ARG B 445 -5.77 -7.76 -0.64
N PHE B 446 -6.52 -8.82 -0.89
CA PHE B 446 -8.00 -8.80 -0.87
C PHE B 446 -8.61 -9.62 0.27
N GLY B 447 -7.78 -10.40 0.96
CA GLY B 447 -8.28 -11.27 2.01
C GLY B 447 -8.89 -10.76 3.30
N ALA B 448 -9.71 -11.62 3.88
CA ALA B 448 -10.34 -11.35 5.16
C ALA B 448 -9.26 -11.88 6.11
N VAL B 449 -8.43 -12.76 5.56
CA VAL B 449 -7.33 -13.39 6.29
C VAL B 449 -5.99 -13.01 5.65
N TYR B 450 -5.13 -12.37 6.44
CA TYR B 450 -3.82 -11.94 5.97
C TYR B 450 -2.86 -13.12 5.82
N VAL B 451 -2.02 -13.08 4.79
CA VAL B 451 -1.04 -14.13 4.59
C VAL B 451 0.39 -13.58 4.47
N ASP B 452 1.26 -13.99 5.37
CA ASP B 452 2.65 -13.57 5.31
C ASP B 452 3.29 -14.56 4.34
N TYR B 453 3.50 -14.12 3.10
CA TYR B 453 4.03 -15.03 2.08
C TYR B 453 5.28 -15.85 2.36
N PRO B 454 6.30 -15.27 3.00
CA PRO B 454 7.52 -16.06 3.27
C PRO B 454 7.28 -17.30 4.13
N THR B 455 6.40 -17.19 5.12
CA THR B 455 6.10 -18.31 6.01
C THR B 455 4.73 -18.95 5.75
N GLY B 456 3.88 -18.23 5.03
CA GLY B 456 2.55 -18.72 4.73
C GLY B 456 1.61 -18.55 5.92
N THR B 457 2.09 -17.87 6.96
CA THR B 457 1.29 -17.65 8.16
C THR B 457 0.00 -16.88 7.88
N ARG B 458 -1.11 -17.42 8.39
CA ARG B 458 -2.42 -16.80 8.24
C ARG B 458 -2.81 -16.00 9.50
N ILE B 459 -3.15 -14.72 9.31
CA ILE B 459 -3.57 -13.91 10.45
C ILE B 459 -4.94 -13.32 10.15
N PRO B 460 -5.99 -13.81 10.83
CA PRO B 460 -7.31 -13.25 10.57
C PRO B 460 -7.30 -11.73 10.78
N LYS B 461 -7.75 -10.98 9.78
CA LYS B 461 -7.79 -9.52 9.89
C LYS B 461 -9.03 -9.09 10.67
N ALA B 462 -9.10 -7.81 10.99
CA ALA B 462 -10.25 -7.28 11.71
C ALA B 462 -11.54 -7.55 10.95
N SER B 463 -11.50 -7.43 9.63
CA SER B 463 -12.69 -7.67 8.82
C SER B 463 -13.20 -9.09 8.96
N ALA B 464 -12.28 -10.04 9.14
CA ALA B 464 -12.63 -11.44 9.30
C ALA B 464 -13.56 -11.62 10.49
N ARG B 465 -13.19 -11.01 11.62
CA ARG B 465 -14.00 -11.13 12.83
C ARG B 465 -15.34 -10.42 12.66
N TRP B 466 -15.30 -9.26 12.01
CA TRP B 466 -16.51 -8.48 11.76
C TRP B 466 -17.44 -9.24 10.82
N TYR B 467 -16.89 -9.73 9.71
CA TYR B 467 -17.68 -10.49 8.73
C TYR B 467 -18.29 -11.74 9.36
N ALA B 468 -17.55 -12.39 10.25
CA ALA B 468 -18.02 -13.60 10.94
C ALA B 468 -19.32 -13.29 11.70
N GLU B 469 -19.33 -12.17 12.41
CA GLU B 469 -20.50 -11.78 13.17
C GLU B 469 -21.73 -11.66 12.27
N VAL B 470 -21.55 -11.05 11.10
CA VAL B 470 -22.63 -10.87 10.14
C VAL B 470 -23.11 -12.23 9.62
N ALA B 471 -22.17 -13.10 9.28
CA ALA B 471 -22.49 -14.43 8.76
C ALA B 471 -23.18 -15.31 9.80
N ARG B 472 -23.06 -14.94 11.06
CA ARG B 472 -23.65 -15.68 12.16
C ARG B 472 -25.10 -15.27 12.39
N THR B 473 -25.34 -13.97 12.50
CA THR B 473 -26.66 -13.43 12.76
C THR B 473 -27.42 -12.93 11.53
N GLY B 474 -26.72 -12.74 10.42
CA GLY B 474 -27.36 -12.24 9.23
C GLY B 474 -27.70 -10.78 9.46
N VAL B 475 -27.26 -10.26 10.60
CA VAL B 475 -27.50 -8.88 10.97
C VAL B 475 -26.36 -7.99 10.52
N LEU B 476 -26.68 -6.93 9.79
CA LEU B 476 -25.69 -6.00 9.31
C LEU B 476 -25.79 -4.72 10.13
N PRO B 477 -24.80 -4.46 10.99
CA PRO B 477 -24.84 -3.24 11.81
C PRO B 477 -24.39 -2.06 10.97
N THR B 478 -25.20 -1.01 10.92
CA THR B 478 -24.87 0.18 10.13
C THR B 478 -24.42 1.36 10.99
N ALA B 479 -24.04 2.39 10.40
HG HG C . 6.69 16.86 9.01
HG HG D . 5.21 20.94 5.37
HG HG E . 30.67 21.51 17.74
S SO4 F . 5.95 35.40 27.71
O1 SO4 F . 5.42 34.03 27.56
O2 SO4 F . 7.35 35.45 27.28
O3 SO4 F . 5.14 36.34 26.90
O4 SO4 F . 5.86 35.79 29.13
HG HG G . -10.73 -8.78 -15.06
HG HG H . -13.09 -4.24 -17.48
HG HG I . -27.81 -28.12 -12.53
S SO4 J . -13.84 -20.94 -38.76
O1 SO4 J . -14.92 -21.94 -38.72
O2 SO4 J . -13.64 -20.38 -37.41
O3 SO4 J . -12.59 -21.56 -39.23
O4 SO4 J . -14.23 -19.84 -39.68
S SO4 K . -2.96 -40.52 -9.92
O1 SO4 K . -4.09 -41.15 -10.63
O2 SO4 K . -2.82 -41.12 -8.58
O3 SO4 K . -1.72 -40.74 -10.69
O4 SO4 K . -3.20 -39.07 -9.79
#